data_8VX8
#
_entry.id   8VX8
#
_cell.length_a   1.00
_cell.length_b   1.00
_cell.length_c   1.00
_cell.angle_alpha   90.00
_cell.angle_beta   90.00
_cell.angle_gamma   90.00
#
_symmetry.space_group_name_H-M   'P 1'
#
loop_
_entity.id
_entity.type
_entity.pdbx_description
1 polymer 'ATP-dependent DNA/RNA helicase DHX36'
2 polymer 'DNA (29-MER)'
#
loop_
_entity_poly.entity_id
_entity_poly.type
_entity_poly.pdbx_seq_one_letter_code
_entity_poly.pdbx_strand_id
1 'polypeptide(L)'
;GGRGGRGRHPGHLKGREIGLWYAKKQGQKNKEAERQERAVVHMDERREEQIVQLLHSVQTKNDKDEEAQISWFAPEDHGY
GTEAPAENKPNSVKNVEHQAAAMINQEKRPFRIRDKYIDRDSEYLLQENEPDATLDQQLLEDLQKKKTDLRYIEMQRFRE
KLPSYGMQKELVNMIDNHQVTVISGETGCGKTTQVTQFILDNYIERGKGSACRIVCTQPRRISAISVAERVAAERAESCG
NGNSTGYQIRLQSRLPRKQGSILYCTTGIILQWLQSDPHLSSVSHIVLDEIHERNLQSDVLMTVVKDLLSYRPDLKVVLM
SATLNAEKFSEYFGNCPMIHIPGFTFPVVEYLLEDIIEKIRYVPEQKEHRSQFKKGFMQGHVNRQEKEEKEAIYKERWPG
YLRELRQRYSASTVDVVEMMDDEKVDLNLIAALIRYIVLEEEDGAILVFLPGWDNISTLHDLLMSQVMFKSDKFIIIPLH
SLMPTVNQTQVFKRTPPGVRKIVIATNIAETSITIDDVVYVIDGGKIKETHFDTQNNISTMSAEWVSKANAKQRKGRAGR
VQPGHCYHLYNSLRASLLDDYQLPEILRTPLEELCLQIKILRLGGIAHFLSRLMDPPSNEAVLLSIKHLMELNALDKQEE
LTPLGVHLARLPVEPHIGKMILFGALFCCLDPVLTIAASLSFKDPFVIPLGKEKVADARRKELAKDTKSDHLTVVNAFKG
WEKAKQRGFRYEKDYCWEYFLSSNTLQMLHNMKGQFAEHLLGAGFVSSRNPQDPESNINSDNEKIIKAVICAGLYPKVAK
IRLNLGKKRKMVKVYTKTDGVVAIHPKSVNVEQTEFNYNWLIYHLKMRTSSIYLYDCTEVSPYCLLFFGGDISIQKDNDQ
ETIAVDEWIIFQSPARIAHLVKELRKELDILLQEKIESPHPVDWKDTKSRDCAVLSAIIDLIKTQEKATPRNLPPRFQDG
YYSPHHHHHHHH
;
A
2 'polydeoxyribonucleotide'
;(DA)(DG)(DG)(DG)(DT)(DG)(DG)(DG)(DT)(DA)(DG)(DG)(DG)(DT)(DG)(DG)(DG)(DT)(DT)(DT)
(DG)(DT)(DT)(DT)(DT)(DT)(DT)(DT)(DT)
;
B,C
#
# COMPACT_ATOMS: atom_id res chain seq x y z
N GLY A 15 -44.29 -26.81 10.47
CA GLY A 15 -43.80 -25.49 10.11
C GLY A 15 -42.29 -25.42 9.99
N ARG A 16 -41.67 -24.62 10.86
CA ARG A 16 -40.22 -24.46 10.86
C ARG A 16 -39.51 -25.55 11.66
N GLU A 17 -40.25 -26.45 12.30
CA GLU A 17 -39.61 -27.50 13.09
C GLU A 17 -38.87 -28.50 12.20
N ILE A 18 -39.36 -28.74 10.98
CA ILE A 18 -38.69 -29.68 10.09
C ILE A 18 -37.32 -29.14 9.68
N GLY A 19 -37.22 -27.82 9.47
CA GLY A 19 -35.92 -27.24 9.18
C GLY A 19 -34.94 -27.41 10.33
N LEU A 20 -35.42 -27.22 11.56
CA LEU A 20 -34.57 -27.44 12.72
C LEU A 20 -34.14 -28.90 12.84
N TRP A 21 -35.05 -29.83 12.54
CA TRP A 21 -34.71 -31.24 12.56
C TRP A 21 -33.63 -31.56 11.54
N TYR A 22 -33.79 -31.01 10.33
CA TYR A 22 -32.76 -31.23 9.28
C TYR A 22 -31.44 -30.66 9.77
N ALA A 23 -31.45 -29.43 10.29
CA ALA A 23 -30.22 -28.79 10.73
C ALA A 23 -29.52 -29.60 11.81
N LYS A 24 -30.29 -30.10 12.79
CA LYS A 24 -29.69 -30.91 13.85
C LYS A 24 -29.13 -32.21 13.31
N LYS A 25 -29.87 -32.87 12.41
CA LYS A 25 -29.39 -34.13 11.85
C LYS A 25 -28.11 -33.92 11.04
N GLN A 26 -28.01 -32.82 10.31
CA GLN A 26 -26.78 -32.55 9.56
C GLN A 26 -25.64 -32.16 10.48
N GLY A 27 -25.93 -31.35 11.51
CA GLY A 27 -24.87 -30.89 12.40
C GLY A 27 -24.28 -32.01 13.22
N GLN A 28 -25.11 -32.96 13.66
CA GLN A 28 -24.58 -34.09 14.42
C GLN A 28 -23.61 -34.90 13.57
N LYS A 29 -23.96 -35.17 12.31
CA LYS A 29 -23.06 -35.91 11.43
C LYS A 29 -21.79 -35.12 11.15
N ASN A 30 -21.91 -33.80 10.94
CA ASN A 30 -20.74 -32.98 10.69
C ASN A 30 -19.79 -32.98 11.88
N LYS A 31 -20.32 -32.84 13.09
CA LYS A 31 -19.49 -32.86 14.28
C LYS A 31 -18.83 -34.24 14.47
N GLU A 32 -19.60 -35.31 14.25
CA GLU A 32 -19.02 -36.64 14.39
C GLU A 32 -17.94 -36.92 13.36
N ALA A 33 -18.06 -36.35 12.16
CA ALA A 33 -17.03 -36.52 11.15
C ALA A 33 -15.80 -35.65 11.43
N GLU A 34 -16.01 -34.45 11.98
CA GLU A 34 -14.88 -33.59 12.30
C GLU A 34 -14.11 -34.08 13.51
N ARG A 35 -14.78 -34.77 14.43
CA ARG A 35 -14.11 -35.25 15.64
C ARG A 35 -13.03 -36.27 15.29
N GLN A 36 -13.31 -37.17 14.35
CA GLN A 36 -12.38 -38.23 13.98
C GLN A 36 -11.42 -37.80 12.88
N GLU A 37 -11.15 -36.51 12.74
CA GLU A 37 -10.23 -36.01 11.73
C GLU A 37 -9.28 -34.97 12.34
N ARG A 38 -8.78 -35.26 13.53
CA ARG A 38 -7.84 -34.39 14.22
C ARG A 38 -6.45 -35.01 14.18
N ALA A 39 -5.45 -34.19 13.87
CA ALA A 39 -4.08 -34.68 13.79
C ALA A 39 -3.61 -35.17 15.15
N VAL A 40 -2.88 -36.29 15.14
CA VAL A 40 -2.38 -36.89 16.37
C VAL A 40 -0.98 -36.36 16.65
N VAL A 41 -0.73 -36.01 17.91
CA VAL A 41 0.54 -35.43 18.33
C VAL A 41 1.24 -36.46 19.21
N HIS A 42 2.39 -36.97 18.75
CA HIS A 42 3.22 -37.87 19.53
C HIS A 42 4.63 -37.79 18.97
N MET A 43 5.62 -37.74 19.86
CA MET A 43 6.99 -37.48 19.41
C MET A 43 7.78 -38.76 19.19
N ASP A 44 8.06 -39.50 20.26
CA ASP A 44 8.90 -40.69 20.20
C ASP A 44 9.04 -41.33 21.59
N GLU A 45 9.71 -42.46 21.66
CA GLU A 45 10.08 -43.04 22.94
C GLU A 45 11.36 -42.42 23.50
N ARG A 46 12.38 -42.24 22.65
CA ARG A 46 13.63 -41.63 23.08
C ARG A 46 13.51 -40.12 23.25
N ARG A 47 12.72 -39.46 22.39
CA ARG A 47 12.53 -38.02 22.51
C ARG A 47 11.91 -37.66 23.85
N GLU A 48 10.97 -38.49 24.33
CA GLU A 48 10.39 -38.25 25.64
C GLU A 48 11.44 -38.32 26.74
N GLU A 49 12.35 -39.30 26.68
CA GLU A 49 13.39 -39.40 27.68
C GLU A 49 14.33 -38.20 27.63
N GLN A 50 14.71 -37.77 26.42
CA GLN A 50 15.59 -36.61 26.30
C GLN A 50 14.92 -35.34 26.83
N ILE A 51 13.63 -35.17 26.52
CA ILE A 51 12.90 -33.99 27.00
C ILE A 51 12.77 -34.03 28.52
N VAL A 52 12.52 -35.22 29.08
CA VAL A 52 12.41 -35.33 30.53
C VAL A 52 13.73 -34.98 31.20
N GLN A 53 14.84 -35.47 30.64
CA GLN A 53 16.15 -35.13 31.20
C GLN A 53 16.42 -33.64 31.11
N LEU A 54 16.12 -33.03 29.96
CA LEU A 54 16.34 -31.59 29.81
C LEU A 54 15.47 -30.79 30.78
N LEU A 55 14.22 -31.19 30.95
CA LEU A 55 13.32 -30.50 31.87
C LEU A 55 13.80 -30.63 33.31
N HIS A 56 14.26 -31.82 33.69
CA HIS A 56 14.83 -31.99 35.02
C HIS A 56 16.11 -31.18 35.20
N SER A 57 16.87 -30.94 34.13
CA SER A 57 18.04 -30.08 34.19
C SER A 57 17.75 -28.64 33.79
N VAL A 58 16.50 -28.32 33.45
CA VAL A 58 16.09 -26.98 33.02
C VAL A 58 16.89 -26.52 31.81
N ALA A 133 30.87 35.07 7.29
CA ALA A 133 31.58 33.98 6.65
C ALA A 133 31.82 34.27 5.17
N THR A 134 32.94 33.79 4.64
CA THR A 134 33.26 34.00 3.23
C THR A 134 32.30 33.25 2.31
N LEU A 135 31.62 32.22 2.81
CA LEU A 135 30.70 31.45 1.98
C LEU A 135 29.50 32.30 1.57
N ASP A 136 29.06 33.21 2.44
CA ASP A 136 27.93 34.07 2.10
C ASP A 136 28.24 34.94 0.89
N GLN A 137 29.44 35.52 0.84
CA GLN A 137 29.83 36.29 -0.33
C GLN A 137 30.16 35.40 -1.52
N GLN A 138 30.65 34.19 -1.26
CA GLN A 138 30.96 33.26 -2.35
C GLN A 138 29.69 32.87 -3.10
N LEU A 139 28.59 32.66 -2.38
CA LEU A 139 27.33 32.35 -3.04
C LEU A 139 26.86 33.49 -3.93
N LEU A 140 26.97 34.73 -3.45
CA LEU A 140 26.56 35.88 -4.26
C LEU A 140 27.45 36.01 -5.50
N GLU A 141 28.76 35.80 -5.34
CA GLU A 141 29.66 35.87 -6.48
C GLU A 141 29.34 34.77 -7.49
N ASP A 142 29.03 33.56 -7.01
CA ASP A 142 28.67 32.47 -7.92
C ASP A 142 27.38 32.77 -8.66
N LEU A 143 26.38 33.33 -7.95
CA LEU A 143 25.14 33.71 -8.61
C LEU A 143 25.38 34.77 -9.68
N GLN A 144 26.20 35.78 -9.36
CA GLN A 144 26.49 36.82 -10.34
C GLN A 144 27.21 36.25 -11.56
N LYS A 145 28.16 35.33 -11.34
CA LYS A 145 28.87 34.71 -12.45
C LYS A 145 27.94 33.85 -13.30
N LYS A 146 27.05 33.10 -12.66
CA LYS A 146 26.13 32.24 -13.40
C LYS A 146 25.03 33.02 -14.11
N LYS A 147 24.77 34.26 -13.68
CA LYS A 147 23.75 35.07 -14.33
C LYS A 147 24.07 35.34 -15.79
N THR A 148 25.33 35.22 -16.20
CA THR A 148 25.73 35.43 -17.58
C THR A 148 25.76 34.15 -18.39
N ASP A 149 25.41 33.01 -17.80
CA ASP A 149 25.45 31.75 -18.53
C ASP A 149 24.35 31.72 -19.59
N LEU A 150 24.69 31.19 -20.76
CA LEU A 150 23.72 31.09 -21.85
C LEU A 150 22.59 30.13 -21.49
N ARG A 151 22.93 28.97 -20.90
CA ARG A 151 21.90 28.01 -20.51
C ARG A 151 20.99 28.59 -19.43
N TYR A 152 21.56 29.34 -18.48
CA TYR A 152 20.75 29.95 -17.43
C TYR A 152 19.77 30.96 -18.03
N ILE A 153 20.23 31.75 -19.00
CA ILE A 153 19.36 32.71 -19.67
C ILE A 153 18.26 31.99 -20.45
N GLU A 154 18.62 30.91 -21.14
CA GLU A 154 17.61 30.14 -21.87
C GLU A 154 16.56 29.57 -20.92
N MET A 155 16.98 29.10 -19.75
CA MET A 155 16.03 28.60 -18.77
C MET A 155 15.14 29.72 -18.24
N GLN A 156 15.72 30.90 -17.97
CA GLN A 156 14.91 32.05 -17.57
C GLN A 156 13.88 32.41 -18.64
N ARG A 157 14.23 32.23 -19.91
CA ARG A 157 13.32 32.58 -20.99
C ARG A 157 12.00 31.83 -20.86
N PHE A 158 12.06 30.53 -20.56
CA PHE A 158 10.84 29.77 -20.34
C PHE A 158 10.24 30.08 -18.97
N ARG A 159 11.08 30.20 -17.94
CA ARG A 159 10.58 30.36 -16.58
C ARG A 159 9.78 31.65 -16.41
N GLU A 160 10.09 32.65 -17.24
CA GLU A 160 9.35 33.91 -17.17
C GLU A 160 7.88 33.72 -17.51
N LYS A 161 7.56 32.74 -18.36
CA LYS A 161 6.19 32.54 -18.81
C LYS A 161 5.29 31.91 -17.76
N LEU A 162 5.86 31.34 -16.69
CA LEU A 162 5.04 30.70 -15.68
C LEU A 162 4.24 31.76 -14.92
N PRO A 163 2.96 31.49 -14.62
CA PRO A 163 2.15 32.48 -13.89
C PRO A 163 2.70 32.82 -12.51
N SER A 164 3.30 31.85 -11.82
CA SER A 164 3.76 32.06 -10.45
C SER A 164 4.80 33.18 -10.36
N TYR A 165 5.60 33.37 -11.40
CA TYR A 165 6.59 34.44 -11.38
C TYR A 165 5.92 35.79 -11.16
N GLY A 166 4.70 35.96 -11.67
CA GLY A 166 4.00 37.22 -11.48
C GLY A 166 3.76 37.57 -10.02
N MET A 167 3.79 36.58 -9.14
CA MET A 167 3.59 36.80 -7.71
C MET A 167 4.90 36.75 -6.93
N GLN A 168 6.04 36.77 -7.62
CA GLN A 168 7.34 36.62 -6.95
C GLN A 168 7.54 37.70 -5.88
N LYS A 169 7.15 38.94 -6.19
CA LYS A 169 7.31 40.01 -5.22
C LYS A 169 6.45 39.78 -3.99
N GLU A 170 5.27 39.18 -4.16
CA GLU A 170 4.39 38.95 -3.02
C GLU A 170 4.75 37.65 -2.31
N LEU A 171 4.94 36.57 -3.05
CA LEU A 171 5.10 35.25 -2.45
C LEU A 171 6.25 35.23 -1.46
N VAL A 172 7.38 35.85 -1.81
CA VAL A 172 8.49 35.93 -0.87
C VAL A 172 8.13 36.81 0.32
N ASN A 173 7.56 37.99 0.05
CA ASN A 173 7.44 39.01 1.10
C ASN A 173 6.64 38.50 2.29
N MET A 174 5.45 37.96 2.03
CA MET A 174 4.63 37.44 3.13
C MET A 174 5.35 36.31 3.86
N ILE A 175 6.07 35.47 3.11
CA ILE A 175 6.83 34.39 3.74
C ILE A 175 7.86 34.97 4.70
N ASP A 176 8.43 36.13 4.36
CA ASP A 176 9.36 36.80 5.26
C ASP A 176 8.65 37.29 6.51
N ASN A 177 7.41 37.78 6.37
CA ASN A 177 6.71 38.38 7.51
C ASN A 177 6.05 37.33 8.39
N HIS A 178 5.11 36.57 7.83
CA HIS A 178 4.36 35.60 8.62
C HIS A 178 5.17 34.31 8.79
N GLN A 179 4.79 33.54 9.81
CA GLN A 179 5.47 32.27 10.08
C GLN A 179 4.92 31.16 9.22
N VAL A 180 3.60 30.96 9.22
CA VAL A 180 2.94 29.92 8.45
C VAL A 180 2.05 30.57 7.39
N THR A 181 2.21 30.12 6.15
CA THR A 181 1.40 30.61 5.04
C THR A 181 0.85 29.42 4.26
N VAL A 182 -0.30 29.62 3.63
CA VAL A 182 -0.95 28.61 2.81
C VAL A 182 -0.99 29.12 1.38
N ILE A 183 -0.47 28.32 0.46
CA ILE A 183 -0.41 28.67 -0.95
C ILE A 183 -1.37 27.76 -1.69
N SER A 184 -2.40 28.33 -2.30
CA SER A 184 -3.40 27.57 -3.03
C SER A 184 -3.37 28.00 -4.49
N GLY A 185 -3.24 27.03 -5.39
CA GLY A 185 -3.20 27.32 -6.81
C GLY A 185 -3.76 26.17 -7.61
N GLU A 186 -4.38 26.49 -8.74
CA GLU A 186 -4.95 25.48 -9.61
C GLU A 186 -3.83 24.79 -10.41
N THR A 187 -4.22 23.81 -11.21
CA THR A 187 -3.26 23.10 -12.04
C THR A 187 -2.71 24.02 -13.12
N GLY A 188 -1.42 23.87 -13.41
CA GLY A 188 -0.78 24.67 -14.44
C GLY A 188 0.35 25.53 -13.91
N CYS A 189 0.15 26.15 -12.75
CA CYS A 189 1.20 26.97 -12.15
C CYS A 189 2.18 26.06 -11.41
N GLY A 190 3.46 26.15 -11.80
CA GLY A 190 4.46 25.29 -11.21
C GLY A 190 4.96 25.77 -9.86
N LYS A 191 4.05 25.84 -8.88
CA LYS A 191 4.44 26.31 -7.56
C LYS A 191 5.48 25.42 -6.89
N THR A 192 5.44 24.11 -7.16
CA THR A 192 6.36 23.19 -6.51
C THR A 192 7.81 23.50 -6.87
N THR A 193 8.08 23.83 -8.13
CA THR A 193 9.43 24.10 -8.59
C THR A 193 9.76 25.58 -8.65
N GLN A 194 8.88 26.45 -8.13
CA GLN A 194 9.11 27.88 -8.17
C GLN A 194 9.12 28.54 -6.80
N VAL A 195 8.24 28.12 -5.90
CA VAL A 195 8.17 28.75 -4.58
C VAL A 195 9.46 28.56 -3.82
N THR A 196 10.01 27.34 -3.85
CA THR A 196 11.27 27.08 -3.16
C THR A 196 12.41 27.89 -3.73
N GLN A 197 12.50 27.93 -5.07
CA GLN A 197 13.56 28.70 -5.72
C GLN A 197 13.43 30.18 -5.40
N PHE A 198 12.21 30.70 -5.26
CA PHE A 198 12.04 32.10 -4.88
C PHE A 198 12.69 32.40 -3.55
N ILE A 199 12.41 31.57 -2.54
CA ILE A 199 12.97 31.79 -1.21
C ILE A 199 14.48 31.65 -1.25
N LEU A 200 14.99 30.62 -1.94
CA LEU A 200 16.43 30.42 -1.98
C LEU A 200 17.13 31.59 -2.67
N ASP A 201 16.59 32.06 -3.79
CA ASP A 201 17.20 33.18 -4.50
C ASP A 201 17.14 34.45 -3.67
N ASN A 202 16.02 34.69 -2.98
CA ASN A 202 15.93 35.87 -2.13
C ASN A 202 16.96 35.83 -1.01
N TYR A 203 17.12 34.68 -0.36
CA TYR A 203 18.09 34.57 0.71
C TYR A 203 19.51 34.72 0.19
N ILE A 204 19.80 34.18 -0.99
CA ILE A 204 21.15 34.28 -1.54
C ILE A 204 21.46 35.73 -1.91
N GLU A 205 20.52 36.40 -2.59
CA GLU A 205 20.77 37.76 -3.04
C GLU A 205 20.82 38.74 -1.88
N ARG A 206 20.03 38.50 -0.82
CA ARG A 206 20.00 39.41 0.31
C ARG A 206 21.33 39.44 1.06
N GLY A 207 22.16 38.41 0.92
CA GLY A 207 23.44 38.37 1.58
C GLY A 207 23.58 37.24 2.58
N LYS A 208 22.51 36.96 3.32
CA LYS A 208 22.50 35.88 4.30
C LYS A 208 22.06 34.57 3.65
N GLY A 209 22.81 34.16 2.63
CA GLY A 209 22.51 32.95 1.90
C GLY A 209 23.03 31.67 2.50
N SER A 210 23.73 31.74 3.63
CA SER A 210 24.26 30.57 4.29
C SER A 210 23.46 30.17 5.52
N ALA A 211 22.29 30.78 5.72
CA ALA A 211 21.46 30.50 6.89
C ALA A 211 20.10 29.92 6.51
N CYS A 212 19.98 29.34 5.32
CA CYS A 212 18.73 28.75 4.86
C CYS A 212 18.97 27.33 4.39
N ARG A 213 17.97 26.47 4.59
CA ARG A 213 18.03 25.09 4.12
C ARG A 213 16.58 24.63 3.92
N ILE A 214 16.12 24.65 2.67
CA ILE A 214 14.74 24.35 2.36
C ILE A 214 14.59 22.84 2.18
N VAL A 215 13.60 22.25 2.86
CA VAL A 215 13.30 20.84 2.76
C VAL A 215 11.84 20.74 2.29
N CYS A 216 11.63 20.25 1.08
CA CYS A 216 10.30 20.11 0.51
C CYS A 216 9.90 18.64 0.48
N THR A 217 8.68 18.37 0.95
CA THR A 217 8.17 17.01 1.05
C THR A 217 7.21 16.73 -0.10
N GLN A 218 7.47 15.64 -0.82
CA GLN A 218 6.67 15.14 -1.92
C GLN A 218 5.95 13.86 -1.52
N PRO A 219 4.79 13.57 -2.10
CA PRO A 219 4.04 12.36 -1.73
C PRO A 219 4.40 11.11 -2.50
N ARG A 220 5.23 11.20 -3.54
CA ARG A 220 5.60 10.05 -4.35
C ARG A 220 7.09 10.07 -4.64
N ARG A 221 7.67 8.87 -4.76
CA ARG A 221 9.11 8.74 -5.01
C ARG A 221 9.46 9.28 -6.40
N ILE A 222 8.75 8.82 -7.43
CA ILE A 222 9.06 9.25 -8.79
C ILE A 222 8.81 10.74 -8.96
N SER A 223 7.76 11.27 -8.31
CA SER A 223 7.50 12.70 -8.37
C SER A 223 8.64 13.49 -7.76
N ALA A 224 9.16 13.04 -6.62
CA ALA A 224 10.29 13.73 -5.99
C ALA A 224 11.52 13.67 -6.88
N ILE A 225 11.80 12.51 -7.48
CA ILE A 225 12.96 12.40 -8.36
C ILE A 225 12.83 13.35 -9.54
N SER A 226 11.66 13.36 -10.19
CA SER A 226 11.47 14.19 -11.36
C SER A 226 11.56 15.67 -11.01
N VAL A 227 10.94 16.08 -9.91
CA VAL A 227 10.97 17.49 -9.52
C VAL A 227 12.40 17.93 -9.19
N ALA A 228 13.12 17.10 -8.44
CA ALA A 228 14.50 17.46 -8.09
C ALA A 228 15.37 17.55 -9.34
N GLU A 229 15.23 16.59 -10.27
CA GLU A 229 16.02 16.64 -11.49
C GLU A 229 15.68 17.87 -12.32
N ARG A 230 14.39 18.22 -12.41
CA ARG A 230 14.01 19.36 -13.24
C ARG A 230 14.51 20.66 -12.62
N VAL A 231 14.42 20.78 -11.29
CA VAL A 231 14.94 21.98 -10.62
C VAL A 231 16.46 22.07 -10.80
N ALA A 232 17.15 20.93 -10.73
CA ALA A 232 18.58 20.95 -10.96
C ALA A 232 18.91 21.40 -12.37
N ALA A 233 18.16 20.93 -13.36
CA ALA A 233 18.39 21.37 -14.74
C ALA A 233 18.05 22.84 -14.93
N GLU A 234 17.09 23.36 -14.17
CA GLU A 234 16.65 24.75 -14.35
C GLU A 234 17.74 25.74 -13.94
N ARG A 235 18.63 25.35 -13.04
CA ARG A 235 19.71 26.21 -12.59
C ARG A 235 21.03 25.89 -13.28
N ALA A 236 20.99 25.14 -14.38
CA ALA A 236 22.18 24.75 -15.14
C ALA A 236 23.18 24.01 -14.24
N GLU A 237 22.70 22.95 -13.60
CA GLU A 237 23.52 22.15 -12.70
C GLU A 237 23.04 20.70 -12.77
N SER A 238 23.47 19.89 -11.80
CA SER A 238 23.04 18.52 -11.67
C SER A 238 22.64 18.25 -10.23
N CYS A 239 21.65 17.37 -10.06
CA CYS A 239 21.17 17.05 -8.72
C CYS A 239 22.26 16.36 -7.91
N GLY A 240 22.40 16.78 -6.66
CA GLY A 240 23.43 16.21 -5.81
C GLY A 240 24.82 16.67 -6.23
N ASN A 241 25.81 15.84 -5.86
CA ASN A 241 27.21 16.10 -6.16
C ASN A 241 27.65 17.46 -5.63
N GLY A 242 27.14 17.84 -4.46
CA GLY A 242 27.51 19.09 -3.85
C GLY A 242 26.91 20.33 -4.47
N ASN A 243 25.90 20.19 -5.32
CA ASN A 243 25.27 21.33 -5.97
C ASN A 243 24.23 21.94 -5.02
N SER A 244 23.41 22.83 -5.56
CA SER A 244 22.45 23.59 -4.76
C SER A 244 21.07 22.92 -4.69
N THR A 245 20.98 21.64 -5.03
CA THR A 245 19.71 20.94 -4.95
C THR A 245 19.97 19.43 -4.92
N GLY A 246 19.01 18.70 -4.38
CA GLY A 246 19.14 17.26 -4.31
C GLY A 246 17.87 16.64 -3.74
N TYR A 247 17.90 15.32 -3.65
CA TYR A 247 16.74 14.59 -3.18
C TYR A 247 17.17 13.38 -2.35
N GLN A 248 16.23 12.86 -1.57
CA GLN A 248 16.47 11.70 -0.72
C GLN A 248 15.20 10.91 -0.57
N ILE A 249 15.21 9.66 -1.03
CA ILE A 249 14.13 8.71 -0.85
C ILE A 249 14.72 7.40 -0.36
N ARG A 250 13.84 6.44 -0.05
CA ARG A 250 14.27 5.19 0.55
C ARG A 250 15.30 4.49 -0.32
N LEU A 251 16.52 4.35 0.21
CA LEU A 251 17.63 3.66 -0.45
C LEU A 251 18.04 4.34 -1.75
N GLN A 252 17.85 5.65 -1.85
CA GLN A 252 18.35 6.40 -3.01
C GLN A 252 18.45 7.87 -2.62
N SER A 253 19.68 8.37 -2.50
CA SER A 253 19.85 9.75 -2.01
C SER A 253 20.98 10.42 -2.77
N ARG A 254 20.68 11.56 -3.37
CA ARG A 254 21.68 12.47 -3.93
C ARG A 254 21.60 13.73 -3.09
N LEU A 255 22.52 13.85 -2.13
CA LEU A 255 22.46 14.94 -1.17
C LEU A 255 23.06 16.21 -1.78
N PRO A 256 22.49 17.38 -1.49
CA PRO A 256 23.15 18.63 -1.88
C PRO A 256 24.11 19.11 -0.82
N ARG A 257 24.70 20.28 -1.02
CA ARG A 257 25.58 20.86 -0.01
C ARG A 257 24.77 21.26 1.22
N LYS A 258 25.45 21.32 2.36
CA LYS A 258 24.77 21.56 3.63
C LYS A 258 24.18 22.97 3.71
N GLN A 259 24.98 23.97 3.37
CA GLN A 259 24.53 25.36 3.46
C GLN A 259 23.76 25.75 2.21
N GLY A 260 22.66 26.47 2.41
CA GLY A 260 21.78 26.77 1.29
C GLY A 260 21.12 25.49 0.79
N SER A 261 20.97 25.41 -0.53
CA SER A 261 20.53 24.19 -1.21
C SER A 261 19.09 23.81 -0.88
N ILE A 262 18.54 22.86 -1.64
CA ILE A 262 17.18 22.39 -1.48
C ILE A 262 17.22 20.87 -1.40
N LEU A 263 16.39 20.29 -0.54
CA LEU A 263 16.29 18.84 -0.42
C LEU A 263 14.84 18.41 -0.61
N TYR A 264 14.60 17.59 -1.64
CA TYR A 264 13.28 17.04 -1.90
C TYR A 264 13.23 15.63 -1.33
N CYS A 265 12.29 15.39 -0.42
CA CYS A 265 12.20 14.10 0.24
C CYS A 265 10.74 13.72 0.44
N THR A 266 10.51 12.42 0.65
CA THR A 266 9.18 11.96 0.99
C THR A 266 8.91 12.21 2.48
N THR A 267 7.64 12.06 2.87
CA THR A 267 7.25 12.34 4.25
C THR A 267 7.90 11.37 5.22
N GLY A 268 8.11 10.12 4.81
CA GLY A 268 8.72 9.13 5.68
C GLY A 268 10.12 9.52 6.11
N ILE A 269 10.88 10.19 5.23
CA ILE A 269 12.23 10.60 5.59
C ILE A 269 12.19 11.61 6.74
N ILE A 270 11.28 12.57 6.68
CA ILE A 270 11.16 13.55 7.76
C ILE A 270 10.68 12.88 9.04
N LEU A 271 9.70 11.98 8.92
CA LEU A 271 9.19 11.29 10.10
C LEU A 271 10.27 10.45 10.77
N GLN A 272 11.20 9.89 9.99
CA GLN A 272 12.32 9.17 10.57
C GLN A 272 13.37 10.12 11.12
N TRP A 273 13.56 11.28 10.49
CA TRP A 273 14.47 12.29 11.03
C TRP A 273 14.03 12.76 12.41
N LEU A 274 12.72 12.81 12.64
CA LEU A 274 12.21 13.31 13.91
C LEU A 274 12.68 12.49 15.10
N GLN A 275 13.12 11.25 14.88
CA GLN A 275 13.55 10.41 16.00
C GLN A 275 14.87 10.90 16.60
N SER A 276 15.84 11.26 15.76
CA SER A 276 17.15 11.67 16.26
C SER A 276 17.08 13.04 16.94
N ASP A 277 16.72 14.07 16.18
CA ASP A 277 16.56 15.42 16.72
C ASP A 277 15.09 15.78 16.72
N PRO A 278 14.42 15.75 17.88
CA PRO A 278 12.97 16.00 17.90
C PRO A 278 12.57 17.39 17.43
N HIS A 279 13.43 18.38 17.62
CA HIS A 279 13.09 19.76 17.28
C HIS A 279 13.39 20.10 15.82
N LEU A 280 13.98 19.19 15.06
CA LEU A 280 14.30 19.39 13.66
C LEU A 280 15.16 20.64 13.47
N SER A 281 16.34 20.62 14.08
CA SER A 281 17.28 21.72 13.95
C SER A 281 17.95 21.69 12.58
N SER A 282 18.62 22.80 12.25
CA SER A 282 19.34 22.97 10.99
C SER A 282 18.42 22.93 9.78
N VAL A 283 17.13 23.16 9.98
CA VAL A 283 16.17 23.28 8.89
C VAL A 283 15.52 24.66 9.00
N SER A 284 15.58 25.44 7.92
CA SER A 284 15.12 26.81 7.95
C SER A 284 13.78 27.03 7.25
N HIS A 285 13.41 26.15 6.32
CA HIS A 285 12.15 26.32 5.60
C HIS A 285 11.59 24.93 5.29
N ILE A 286 10.55 24.53 6.01
CA ILE A 286 9.91 23.24 5.78
C ILE A 286 8.70 23.47 4.90
N VAL A 287 8.65 22.77 3.77
CA VAL A 287 7.61 22.94 2.76
C VAL A 287 6.84 21.64 2.65
N LEU A 288 5.53 21.71 2.87
CA LEU A 288 4.68 20.50 2.76
C LEU A 288 3.89 20.67 1.48
N ASP A 289 3.95 19.71 0.55
CA ASP A 289 3.28 19.95 -0.75
C ASP A 289 2.22 18.88 -1.05
N GLU A 290 1.29 19.17 -1.96
CA GLU A 290 0.19 18.24 -2.32
C GLU A 290 -0.40 17.69 -1.03
N ILE A 291 -0.77 18.57 -0.10
CA ILE A 291 -1.35 18.12 1.16
C ILE A 291 -2.85 17.92 1.09
N HIS A 292 -3.48 18.26 -0.03
CA HIS A 292 -4.92 18.07 -0.16
C HIS A 292 -5.30 16.60 -0.33
N GLU A 293 -4.34 15.72 -0.62
CA GLU A 293 -4.66 14.30 -0.76
C GLU A 293 -5.01 13.66 0.58
N ARG A 294 -4.46 14.19 1.68
CA ARG A 294 -4.78 13.73 3.03
C ARG A 294 -4.41 12.25 3.22
N ASN A 295 -3.15 11.93 2.97
CA ASN A 295 -2.66 10.58 3.24
C ASN A 295 -2.27 10.47 4.71
N LEU A 296 -1.77 9.28 5.09
CA LEU A 296 -1.56 8.99 6.50
C LEU A 296 -0.39 9.78 7.08
N GLN A 297 0.75 9.78 6.37
CA GLN A 297 1.98 10.33 6.94
C GLN A 297 1.97 11.86 6.95
N SER A 298 1.37 12.48 5.93
CA SER A 298 1.34 13.94 5.87
C SER A 298 0.56 14.54 7.02
N ASP A 299 -0.56 13.91 7.41
CA ASP A 299 -1.33 14.42 8.54
C ASP A 299 -0.52 14.40 9.83
N VAL A 300 0.19 13.29 10.07
CA VAL A 300 1.02 13.19 11.26
C VAL A 300 2.12 14.24 11.25
N LEU A 301 2.78 14.40 10.10
CA LEU A 301 3.85 15.40 10.02
C LEU A 301 3.31 16.82 10.21
N MET A 302 2.13 17.10 9.67
CA MET A 302 1.53 18.41 9.84
C MET A 302 1.21 18.68 11.30
N THR A 303 0.65 17.69 12.00
CA THR A 303 0.35 17.88 13.42
C THR A 303 1.63 18.06 14.23
N VAL A 304 2.68 17.30 13.92
CA VAL A 304 3.95 17.45 14.63
C VAL A 304 4.53 18.84 14.39
N VAL A 305 4.47 19.33 13.16
CA VAL A 305 4.95 20.69 12.88
C VAL A 305 4.12 21.71 13.65
N LYS A 306 2.80 21.52 13.69
CA LYS A 306 1.94 22.49 14.37
C LYS A 306 2.27 22.57 15.86
N ASP A 307 2.44 21.42 16.52
CA ASP A 307 2.73 21.48 17.95
C ASP A 307 4.22 21.63 18.25
N LEU A 308 5.07 21.63 17.22
CA LEU A 308 6.48 21.95 17.40
C LEU A 308 6.79 23.42 17.15
N LEU A 309 5.92 24.12 16.43
CA LEU A 309 6.18 25.54 16.12
C LEU A 309 6.33 26.39 17.37
N SER A 310 5.81 25.95 18.52
CA SER A 310 5.94 26.74 19.74
C SER A 310 7.38 26.84 20.20
N TYR A 311 8.14 25.74 20.08
CA TYR A 311 9.52 25.72 20.56
C TYR A 311 10.51 26.26 19.54
N ARG A 312 10.09 26.51 18.30
CA ARG A 312 10.98 27.00 17.24
C ARG A 312 10.34 28.22 16.59
N PRO A 313 10.45 29.39 17.22
CA PRO A 313 9.84 30.59 16.65
C PRO A 313 10.44 31.02 15.32
N ASP A 314 11.67 30.60 15.00
CA ASP A 314 12.34 31.02 13.78
C ASP A 314 12.13 30.06 12.62
N LEU A 315 11.34 29.00 12.80
CA LEU A 315 11.08 28.04 11.73
C LEU A 315 9.91 28.53 10.88
N LYS A 316 10.06 28.42 9.56
CA LYS A 316 9.04 28.82 8.61
C LYS A 316 8.50 27.59 7.90
N VAL A 317 7.19 27.40 7.96
CA VAL A 317 6.51 26.29 7.31
C VAL A 317 5.61 26.85 6.22
N VAL A 318 5.64 26.21 5.04
CA VAL A 318 4.88 26.66 3.89
C VAL A 318 4.05 25.49 3.37
N LEU A 319 2.75 25.68 3.33
CA LEU A 319 1.82 24.67 2.84
C LEU A 319 1.35 25.03 1.44
N MET A 320 1.25 24.02 0.58
CA MET A 320 0.72 24.19 -0.77
C MET A 320 -0.43 23.22 -1.00
N SER A 321 -1.66 23.71 -0.83
CA SER A 321 -2.85 22.98 -1.20
C SER A 321 -3.17 23.25 -2.67
N ALA A 322 -4.33 22.79 -3.14
CA ALA A 322 -4.78 23.07 -4.51
C ALA A 322 -6.27 23.41 -4.46
N THR A 323 -6.58 24.69 -4.28
CA THR A 323 -7.93 25.25 -4.39
C THR A 323 -9.00 24.46 -3.63
N LEU A 324 -10.27 24.70 -3.96
CA LEU A 324 -11.41 24.00 -3.37
C LEU A 324 -11.41 24.27 -1.86
N ASN A 325 -11.32 23.26 -1.01
CA ASN A 325 -11.35 23.46 0.44
C ASN A 325 -9.95 23.77 0.97
N ALA A 326 -9.37 24.85 0.43
CA ALA A 326 -8.08 25.33 0.92
C ALA A 326 -8.20 26.17 2.18
N GLU A 327 -9.42 26.59 2.54
CA GLU A 327 -9.61 27.36 3.76
C GLU A 327 -9.56 26.49 5.01
N LYS A 328 -9.75 25.18 4.87
CA LYS A 328 -9.73 24.30 6.04
C LYS A 328 -8.37 24.30 6.71
N PHE A 329 -7.29 24.23 5.93
CA PHE A 329 -5.95 24.26 6.51
C PHE A 329 -5.66 25.61 7.17
N SER A 330 -6.08 26.70 6.53
CA SER A 330 -5.86 28.02 7.12
C SER A 330 -6.60 28.16 8.44
N GLU A 331 -7.84 27.66 8.51
CA GLU A 331 -8.58 27.69 9.77
C GLU A 331 -7.92 26.81 10.82
N TYR A 332 -7.41 25.64 10.41
CA TYR A 332 -6.78 24.72 11.35
C TYR A 332 -5.51 25.30 11.94
N PHE A 333 -4.70 25.97 11.13
CA PHE A 333 -3.41 26.47 11.59
C PHE A 333 -3.51 27.80 12.32
N GLY A 334 -4.69 28.42 12.40
CA GLY A 334 -4.85 29.65 13.15
C GLY A 334 -5.04 30.88 12.29
N ASN A 335 -5.79 30.74 11.20
CA ASN A 335 -6.12 31.86 10.30
C ASN A 335 -4.86 32.51 9.73
N CYS A 336 -4.04 31.69 9.09
CA CYS A 336 -2.84 32.18 8.43
C CYS A 336 -3.19 32.81 7.08
N PRO A 337 -2.38 33.75 6.62
CA PRO A 337 -2.65 34.37 5.31
C PRO A 337 -2.54 33.37 4.17
N MET A 338 -3.31 33.62 3.12
CA MET A 338 -3.36 32.73 1.96
C MET A 338 -3.08 33.53 0.69
N ILE A 339 -2.53 32.83 -0.31
CA ILE A 339 -2.27 33.40 -1.62
C ILE A 339 -2.89 32.48 -2.67
N HIS A 340 -3.64 33.07 -3.59
CA HIS A 340 -4.30 32.32 -4.67
C HIS A 340 -3.52 32.56 -5.95
N ILE A 341 -2.70 31.59 -6.35
CA ILE A 341 -1.93 31.67 -7.57
C ILE A 341 -2.81 31.28 -8.76
N PRO A 342 -2.99 32.16 -9.74
CA PRO A 342 -3.78 31.78 -10.91
C PRO A 342 -3.12 30.66 -11.71
N GLY A 343 -3.94 29.77 -12.25
CA GLY A 343 -3.45 28.70 -13.09
C GLY A 343 -3.39 29.10 -14.55
N PHE A 344 -3.03 28.13 -15.38
CA PHE A 344 -2.96 28.35 -16.83
C PHE A 344 -3.14 27.01 -17.52
N THR A 345 -4.26 26.84 -18.20
CA THR A 345 -4.54 25.63 -18.98
C THR A 345 -5.32 26.02 -20.22
N PHE A 346 -5.21 25.21 -21.26
CA PHE A 346 -6.00 25.43 -22.45
C PHE A 346 -7.47 25.15 -22.14
N PRO A 347 -8.39 25.89 -22.74
CA PRO A 347 -9.82 25.69 -22.43
C PRO A 347 -10.29 24.29 -22.82
N VAL A 348 -11.15 23.72 -21.96
CA VAL A 348 -11.77 22.43 -22.21
C VAL A 348 -13.26 22.59 -22.02
N VAL A 349 -14.02 21.68 -22.65
CA VAL A 349 -15.47 21.67 -22.57
C VAL A 349 -15.92 20.35 -21.95
N GLU A 350 -16.84 20.43 -21.01
CA GLU A 350 -17.33 19.26 -20.28
C GLU A 350 -18.70 18.87 -20.80
N TYR A 351 -18.86 17.60 -21.15
CA TYR A 351 -20.13 17.04 -21.58
C TYR A 351 -20.60 16.03 -20.54
N LEU A 352 -21.85 16.16 -20.12
CA LEU A 352 -22.42 15.24 -19.14
C LEU A 352 -23.14 14.11 -19.88
N LEU A 353 -23.85 13.27 -19.14
CA LEU A 353 -24.49 12.10 -19.74
C LEU A 353 -25.54 12.51 -20.77
N GLU A 354 -26.38 13.48 -20.42
CA GLU A 354 -27.45 13.89 -21.34
C GLU A 354 -26.87 14.48 -22.62
N ASP A 355 -25.83 15.31 -22.51
CA ASP A 355 -25.22 15.89 -23.71
C ASP A 355 -24.61 14.82 -24.58
N ILE A 356 -23.93 13.84 -23.98
CA ILE A 356 -23.33 12.76 -24.75
C ILE A 356 -24.39 11.96 -25.48
N ILE A 357 -25.47 11.60 -24.77
CA ILE A 357 -26.52 10.79 -25.38
C ILE A 357 -27.19 11.55 -26.53
N GLU A 358 -27.43 12.85 -26.33
CA GLU A 358 -28.03 13.65 -27.40
C GLU A 358 -27.10 13.79 -28.59
N LYS A 359 -25.80 13.96 -28.34
CA LYS A 359 -24.86 14.20 -29.43
C LYS A 359 -24.63 12.95 -30.27
N ILE A 360 -24.39 11.80 -29.61
CA ILE A 360 -24.03 10.59 -30.35
C ILE A 360 -25.24 9.75 -30.76
N ARG A 361 -26.45 10.08 -30.27
CA ARG A 361 -27.67 9.37 -30.62
C ARG A 361 -27.53 7.87 -30.36
N TYR A 362 -27.33 7.54 -29.08
CA TYR A 362 -27.07 6.17 -28.66
C TYR A 362 -28.36 5.53 -28.18
N VAL A 363 -28.75 4.45 -28.85
CA VAL A 363 -29.92 3.65 -28.46
C VAL A 363 -29.42 2.46 -27.65
N PRO A 364 -29.93 2.23 -26.44
CA PRO A 364 -29.42 1.12 -25.63
C PRO A 364 -29.77 -0.23 -26.23
N GLU A 365 -28.89 -1.20 -26.01
CA GLU A 365 -29.12 -2.56 -26.47
C GLU A 365 -30.21 -3.22 -25.64
N GLN A 366 -31.05 -4.02 -26.29
CA GLN A 366 -32.12 -4.71 -25.60
C GLN A 366 -31.58 -5.70 -24.58
N LYS A 367 -32.16 -5.69 -23.39
CA LYS A 367 -31.73 -6.58 -22.32
C LYS A 367 -32.19 -8.01 -22.57
N ARG A 384 -22.35 2.86 5.22
CA ARG A 384 -23.63 3.45 4.85
C ARG A 384 -23.85 4.79 5.56
N GLN A 385 -24.94 4.85 6.33
CA GLN A 385 -25.30 6.06 7.09
C GLN A 385 -25.45 7.26 6.17
N GLU A 386 -24.40 8.09 6.08
CA GLU A 386 -24.46 9.30 5.28
C GLU A 386 -24.77 9.01 3.82
N LYS A 387 -24.24 7.91 3.26
CA LYS A 387 -24.55 7.57 1.88
C LYS A 387 -26.04 7.44 1.65
N GLU A 388 -26.80 7.04 2.66
CA GLU A 388 -28.26 7.03 2.54
C GLU A 388 -28.80 8.43 2.40
N GLU A 389 -28.41 9.34 3.31
CA GLU A 389 -29.02 10.67 3.36
C GLU A 389 -28.90 11.39 2.02
N LYS A 390 -27.70 11.51 1.49
CA LYS A 390 -27.57 12.11 0.14
C LYS A 390 -28.52 11.40 -0.81
N GLU A 391 -28.45 10.08 -0.89
CA GLU A 391 -29.30 9.37 -1.84
C GLU A 391 -30.75 9.76 -1.67
N ALA A 392 -31.20 9.95 -0.43
CA ALA A 392 -32.58 10.37 -0.21
C ALA A 392 -32.89 11.63 -0.99
N ILE A 393 -32.01 12.64 -0.90
CA ILE A 393 -32.23 13.86 -1.66
C ILE A 393 -32.28 13.54 -3.15
N TYR A 394 -31.35 12.70 -3.62
CA TYR A 394 -31.32 12.36 -5.03
C TYR A 394 -32.63 11.69 -5.46
N LYS A 395 -33.28 10.99 -4.53
CA LYS A 395 -34.59 10.44 -4.84
C LYS A 395 -35.65 11.54 -4.87
N GLU A 396 -35.65 12.43 -3.87
CA GLU A 396 -36.71 13.40 -3.73
C GLU A 396 -36.78 14.34 -4.92
N ARG A 397 -35.64 14.72 -5.45
CA ARG A 397 -35.57 15.60 -6.62
C ARG A 397 -35.53 14.84 -7.94
N TRP A 398 -35.59 13.51 -7.90
CA TRP A 398 -35.49 12.75 -9.14
C TRP A 398 -36.64 13.02 -10.12
N PRO A 399 -37.91 12.99 -9.73
CA PRO A 399 -38.96 13.24 -10.73
C PRO A 399 -38.94 14.66 -11.27
N GLY A 400 -38.92 15.66 -10.39
CA GLY A 400 -38.99 17.04 -10.85
C GLY A 400 -37.88 17.40 -11.81
N TYR A 401 -36.66 16.93 -11.54
CA TYR A 401 -35.56 17.12 -12.48
C TYR A 401 -35.95 16.64 -13.88
N LEU A 402 -36.46 15.40 -13.97
CA LEU A 402 -36.93 14.90 -15.26
C LEU A 402 -38.03 15.78 -15.82
N ARG A 403 -38.94 16.25 -14.95
CA ARG A 403 -40.04 17.10 -15.41
C ARG A 403 -39.53 18.36 -16.08
N GLU A 404 -38.28 18.74 -15.79
CA GLU A 404 -37.67 19.85 -16.50
C GLU A 404 -36.90 19.38 -17.73
N LEU A 405 -36.17 18.27 -17.60
CA LEU A 405 -35.30 17.81 -18.69
C LEU A 405 -36.09 17.51 -19.96
N ARG A 406 -37.34 17.07 -19.84
CA ARG A 406 -38.14 16.76 -21.00
C ARG A 406 -38.35 17.95 -21.91
N GLN A 407 -38.16 19.17 -21.40
CA GLN A 407 -38.30 20.35 -22.23
C GLN A 407 -36.96 20.84 -22.78
N ARG A 408 -35.84 20.38 -22.23
CA ARG A 408 -34.53 20.77 -22.75
C ARG A 408 -33.92 19.77 -23.72
N TYR A 409 -34.54 18.59 -23.89
CA TYR A 409 -33.97 17.57 -24.77
C TYR A 409 -35.10 16.80 -25.44
N SER A 410 -34.72 15.91 -26.35
CA SER A 410 -35.67 15.09 -27.07
C SER A 410 -36.21 13.98 -26.17
N ALA A 411 -37.28 13.33 -26.63
CA ALA A 411 -37.89 12.26 -25.85
C ALA A 411 -36.96 11.09 -25.69
N SER A 412 -36.24 10.71 -26.75
CA SER A 412 -35.37 9.54 -26.70
C SER A 412 -34.26 9.72 -25.67
N THR A 413 -33.66 10.92 -25.62
CA THR A 413 -32.62 11.17 -24.64
C THR A 413 -33.14 11.01 -23.23
N VAL A 414 -34.32 11.53 -22.95
CA VAL A 414 -34.91 11.41 -21.62
C VAL A 414 -35.19 9.95 -21.30
N ASP A 415 -35.70 9.19 -22.28
CA ASP A 415 -35.99 7.79 -22.04
C ASP A 415 -34.71 7.00 -21.73
N VAL A 416 -33.62 7.29 -22.44
CA VAL A 416 -32.36 6.59 -22.17
C VAL A 416 -31.80 7.00 -20.81
N VAL A 417 -31.88 8.28 -20.47
CA VAL A 417 -31.31 8.74 -19.20
C VAL A 417 -32.10 8.18 -18.02
N GLU A 418 -33.43 8.10 -18.15
CA GLU A 418 -34.25 7.63 -17.05
C GLU A 418 -33.98 6.15 -16.76
N MET A 419 -33.99 5.32 -17.79
CA MET A 419 -33.73 3.89 -17.63
C MET A 419 -32.22 3.62 -17.69
N MET A 420 -31.52 4.14 -16.70
CA MET A 420 -30.06 4.08 -16.65
C MET A 420 -29.64 3.38 -15.37
N ASP A 421 -28.66 2.48 -15.48
CA ASP A 421 -28.16 1.78 -14.31
C ASP A 421 -27.22 2.68 -13.51
N ASP A 422 -27.41 2.68 -12.20
CA ASP A 422 -26.62 3.54 -11.31
C ASP A 422 -25.66 2.77 -10.43
N GLU A 423 -25.43 1.48 -10.71
CA GLU A 423 -24.56 0.65 -9.90
C GLU A 423 -23.38 0.08 -10.68
N LYS A 424 -23.29 0.34 -11.98
CA LYS A 424 -22.17 -0.17 -12.77
C LYS A 424 -22.05 0.66 -14.04
N VAL A 425 -20.82 0.93 -14.45
CA VAL A 425 -20.58 1.68 -15.68
C VAL A 425 -20.88 0.77 -16.87
N ASP A 426 -21.67 1.29 -17.81
CA ASP A 426 -22.04 0.53 -19.00
C ASP A 426 -20.99 0.76 -20.08
N LEU A 427 -20.27 -0.30 -20.44
CA LEU A 427 -19.18 -0.21 -21.40
C LEU A 427 -19.67 -0.06 -22.83
N ASN A 428 -20.94 -0.38 -23.11
CA ASN A 428 -21.46 -0.17 -24.46
C ASN A 428 -21.49 1.31 -24.82
N LEU A 429 -21.86 2.17 -23.85
CA LEU A 429 -21.86 3.61 -24.09
C LEU A 429 -20.45 4.11 -24.38
N ILE A 430 -19.46 3.62 -23.63
CA ILE A 430 -18.08 4.05 -23.87
C ILE A 430 -17.59 3.56 -25.22
N ALA A 431 -17.95 2.32 -25.59
CA ALA A 431 -17.55 1.78 -26.88
C ALA A 431 -18.19 2.52 -28.04
N ALA A 432 -19.41 3.03 -27.86
CA ALA A 432 -20.03 3.88 -28.88
C ALA A 432 -19.44 5.28 -28.90
N LEU A 433 -19.10 5.84 -27.74
CA LEU A 433 -18.49 7.16 -27.70
C LEU A 433 -17.13 7.16 -28.36
N ILE A 434 -16.32 6.12 -28.13
CA ILE A 434 -15.03 6.03 -28.79
C ILE A 434 -15.20 5.90 -30.30
N ARG A 435 -16.20 5.13 -30.73
CA ARG A 435 -16.50 5.03 -32.16
C ARG A 435 -16.83 6.39 -32.76
N TYR A 436 -17.70 7.14 -32.09
CA TYR A 436 -18.08 8.46 -32.59
C TYR A 436 -16.88 9.40 -32.64
N ILE A 437 -16.06 9.39 -31.58
CA ILE A 437 -14.87 10.24 -31.54
C ILE A 437 -13.93 9.90 -32.69
N VAL A 438 -13.73 8.60 -32.94
CA VAL A 438 -12.83 8.18 -34.01
C VAL A 438 -13.36 8.63 -35.36
N LEU A 439 -14.66 8.44 -35.60
CA LEU A 439 -15.18 8.72 -36.93
C LEU A 439 -15.34 10.21 -37.21
N GLU A 440 -15.75 11.01 -36.21
CA GLU A 440 -16.04 12.42 -36.46
C GLU A 440 -14.90 13.35 -36.04
N GLU A 441 -14.46 13.29 -34.78
CA GLU A 441 -13.57 14.29 -34.24
C GLU A 441 -12.17 14.17 -34.86
N GLU A 442 -11.34 15.19 -34.60
CA GLU A 442 -10.03 15.30 -35.19
C GLU A 442 -9.03 14.42 -34.44
N ASP A 443 -7.75 14.58 -34.75
CA ASP A 443 -6.70 13.73 -34.19
C ASP A 443 -6.50 14.02 -32.71
N GLY A 444 -5.98 13.01 -32.01
CA GLY A 444 -5.72 13.15 -30.59
C GLY A 444 -5.30 11.84 -29.97
N ALA A 445 -5.71 11.63 -28.72
CA ALA A 445 -5.41 10.40 -28.00
C ALA A 445 -6.44 10.23 -26.90
N ILE A 446 -7.31 9.23 -27.04
CA ILE A 446 -8.39 9.03 -26.09
C ILE A 446 -7.85 8.36 -24.83
N LEU A 447 -8.26 8.89 -23.67
CA LEU A 447 -7.89 8.32 -22.37
C LEU A 447 -9.16 8.10 -21.57
N VAL A 448 -9.47 6.84 -21.28
CA VAL A 448 -10.70 6.48 -20.59
C VAL A 448 -10.35 5.93 -19.21
N PHE A 449 -11.09 6.36 -18.20
CA PHE A 449 -10.87 5.96 -16.82
C PHE A 449 -11.93 4.96 -16.39
N LEU A 450 -11.49 3.84 -15.83
CA LEU A 450 -12.36 2.77 -15.41
C LEU A 450 -12.04 2.38 -13.96
N PRO A 451 -13.00 1.79 -13.25
CA PRO A 451 -12.74 1.44 -11.84
C PRO A 451 -11.64 0.41 -11.65
N GLY A 452 -11.71 -0.73 -12.33
CA GLY A 452 -10.76 -1.78 -12.10
C GLY A 452 -10.57 -2.72 -13.27
N TRP A 453 -9.96 -3.88 -12.97
CA TRP A 453 -9.64 -4.86 -14.00
C TRP A 453 -10.90 -5.46 -14.62
N ASP A 454 -11.93 -5.71 -13.81
CA ASP A 454 -13.14 -6.35 -14.31
C ASP A 454 -13.76 -5.59 -15.47
N ASN A 455 -13.62 -4.26 -15.48
CA ASN A 455 -14.10 -3.45 -16.58
C ASN A 455 -13.05 -3.21 -17.66
N ILE A 456 -11.77 -3.15 -17.29
CA ILE A 456 -10.72 -2.94 -18.28
C ILE A 456 -10.68 -4.10 -19.26
N SER A 457 -10.71 -5.34 -18.74
CA SER A 457 -10.66 -6.50 -19.62
C SER A 457 -11.89 -6.56 -20.52
N THR A 458 -13.08 -6.29 -19.96
CA THR A 458 -14.30 -6.35 -20.75
C THR A 458 -14.30 -5.29 -21.84
N LEU A 459 -13.87 -4.06 -21.52
CA LEU A 459 -13.83 -3.01 -22.52
C LEU A 459 -12.80 -3.32 -23.61
N HIS A 460 -11.65 -3.87 -23.23
CA HIS A 460 -10.65 -4.23 -24.23
C HIS A 460 -11.18 -5.30 -25.17
N ASP A 461 -11.85 -6.31 -24.62
CA ASP A 461 -12.44 -7.35 -25.46
C ASP A 461 -13.53 -6.79 -26.36
N LEU A 462 -14.38 -5.90 -25.83
CA LEU A 462 -15.43 -5.31 -26.63
C LEU A 462 -14.87 -4.48 -27.77
N LEU A 463 -13.81 -3.71 -27.51
CA LEU A 463 -13.20 -2.90 -28.54
C LEU A 463 -12.54 -3.76 -29.61
N MET A 464 -11.78 -4.77 -29.18
CA MET A 464 -11.09 -5.63 -30.14
C MET A 464 -12.05 -6.55 -30.90
N SER A 465 -13.28 -6.71 -30.40
CA SER A 465 -14.27 -7.51 -31.13
C SER A 465 -14.65 -6.85 -32.45
N GLN A 466 -14.80 -5.52 -32.45
CA GLN A 466 -15.18 -4.81 -33.66
C GLN A 466 -14.08 -4.88 -34.71
N VAL A 467 -14.49 -4.81 -35.98
CA VAL A 467 -13.56 -5.07 -37.07
C VAL A 467 -12.54 -3.94 -37.20
N MET A 468 -12.99 -2.69 -37.11
CA MET A 468 -12.09 -1.58 -37.42
C MET A 468 -11.04 -1.38 -36.35
N PHE A 469 -11.28 -1.83 -35.12
CA PHE A 469 -10.28 -1.69 -34.05
C PHE A 469 -9.30 -2.86 -34.06
N LYS A 470 -8.86 -3.24 -35.25
CA LYS A 470 -7.89 -4.32 -35.38
C LYS A 470 -6.79 -4.02 -36.39
N SER A 471 -6.81 -2.87 -37.05
CA SER A 471 -5.86 -2.57 -38.10
C SER A 471 -4.56 -2.03 -37.50
N ASP A 472 -3.67 -1.54 -38.35
CA ASP A 472 -2.40 -0.98 -37.90
C ASP A 472 -2.63 0.29 -37.11
N LYS A 473 -3.58 1.13 -37.55
CA LYS A 473 -3.74 2.47 -36.98
C LYS A 473 -4.02 2.41 -35.48
N PHE A 474 -5.15 1.83 -35.10
CA PHE A 474 -5.56 1.88 -33.71
C PHE A 474 -4.71 0.97 -32.84
N ILE A 475 -4.22 1.49 -31.73
CA ILE A 475 -3.49 0.72 -30.72
C ILE A 475 -4.12 0.99 -29.37
N ILE A 476 -4.27 -0.06 -28.57
CA ILE A 476 -4.92 0.02 -27.26
C ILE A 476 -3.92 -0.37 -26.20
N ILE A 477 -3.71 0.51 -25.23
CA ILE A 477 -2.70 0.28 -24.19
C ILE A 477 -3.36 0.31 -22.82
N PRO A 478 -3.77 -0.83 -22.26
CA PRO A 478 -4.31 -0.83 -20.90
C PRO A 478 -3.24 -0.45 -19.89
N LEU A 479 -3.68 0.18 -18.80
CA LEU A 479 -2.81 0.64 -17.73
C LEU A 479 -3.32 0.11 -16.40
N HIS A 480 -2.43 -0.52 -15.64
CA HIS A 480 -2.77 -1.10 -14.35
C HIS A 480 -1.50 -1.35 -13.58
N SER A 481 -1.63 -1.52 -12.26
CA SER A 481 -0.48 -1.78 -11.42
C SER A 481 -0.03 -3.23 -11.46
N LEU A 482 -0.79 -4.11 -12.10
CA LEU A 482 -0.44 -5.52 -12.22
C LEU A 482 -0.11 -5.90 -13.67
N MET A 483 0.46 -4.97 -14.41
CA MET A 483 0.83 -5.20 -15.80
C MET A 483 2.31 -4.88 -16.00
N PRO A 484 2.97 -5.53 -16.97
CA PRO A 484 4.45 -5.48 -17.01
C PRO A 484 5.02 -4.10 -17.26
N THR A 485 5.66 -3.53 -16.24
CA THR A 485 6.35 -2.25 -16.31
C THR A 485 5.45 -1.16 -16.90
N VAL A 486 4.23 -1.07 -16.36
CA VAL A 486 3.13 -0.23 -16.84
C VAL A 486 3.17 -0.11 -18.36
N ASN A 487 3.31 -1.26 -19.03
CA ASN A 487 3.39 -1.36 -20.49
C ASN A 487 4.55 -0.53 -21.04
N GLN A 488 5.68 -0.58 -20.34
CA GLN A 488 6.95 0.03 -20.79
C GLN A 488 6.74 1.53 -21.02
N THR A 489 7.53 2.12 -21.91
CA THR A 489 7.42 3.53 -22.25
C THR A 489 6.64 3.74 -23.55
N GLN A 490 5.76 2.81 -23.89
CA GLN A 490 4.98 2.95 -25.11
C GLN A 490 4.01 4.12 -25.03
N VAL A 491 3.41 4.35 -23.85
CA VAL A 491 2.46 5.45 -23.71
C VAL A 491 3.15 6.80 -23.85
N PHE A 492 4.40 6.92 -23.40
CA PHE A 492 5.11 8.19 -23.46
C PHE A 492 5.59 8.52 -24.86
N LYS A 493 5.65 7.55 -25.77
CA LYS A 493 6.14 7.80 -27.11
C LYS A 493 5.19 8.70 -27.88
N ARG A 494 5.77 9.53 -28.76
CA ARG A 494 4.97 10.41 -29.59
C ARG A 494 4.25 9.60 -30.66
N THR A 495 2.96 9.85 -30.80
CA THR A 495 2.15 9.10 -31.75
C THR A 495 2.32 9.66 -33.15
N PRO A 496 2.73 8.84 -34.12
CA PRO A 496 2.77 9.29 -35.52
C PRO A 496 1.37 9.62 -36.01
N PRO A 497 1.23 10.52 -36.98
CA PRO A 497 -0.11 10.93 -37.42
C PRO A 497 -0.90 9.75 -37.96
N GLY A 498 -2.18 9.69 -37.57
CA GLY A 498 -3.08 8.65 -38.04
C GLY A 498 -2.97 7.33 -37.32
N VAL A 499 -2.93 7.35 -35.98
CA VAL A 499 -2.94 6.14 -35.18
C VAL A 499 -4.09 6.14 -34.17
N ARG A 500 -4.33 7.27 -33.50
CA ARG A 500 -5.37 7.40 -32.47
C ARG A 500 -5.12 6.41 -31.33
N LYS A 501 -4.02 6.65 -30.63
CA LYS A 501 -3.69 5.86 -29.45
C LYS A 501 -4.80 5.96 -28.42
N ILE A 502 -5.23 4.80 -27.91
CA ILE A 502 -6.29 4.71 -26.91
C ILE A 502 -5.70 4.10 -25.65
N VAL A 503 -5.97 4.73 -24.51
CA VAL A 503 -5.48 4.25 -23.21
C VAL A 503 -6.68 3.99 -22.33
N ILE A 504 -6.73 2.80 -21.74
CA ILE A 504 -7.78 2.41 -20.79
C ILE A 504 -7.10 2.22 -19.44
N ALA A 505 -7.42 3.08 -18.48
CA ALA A 505 -6.61 3.15 -17.27
C ALA A 505 -7.48 3.21 -16.03
N THR A 506 -6.89 2.74 -14.94
CA THR A 506 -7.54 2.81 -13.61
C THR A 506 -7.08 4.13 -13.03
N ASN A 507 -6.99 4.28 -11.72
CA ASN A 507 -6.60 5.60 -11.19
C ASN A 507 -5.10 5.81 -11.35
N ILE A 508 -4.34 4.84 -11.84
CA ILE A 508 -2.87 5.04 -11.87
C ILE A 508 -2.63 6.26 -12.73
N ALA A 509 -3.41 6.47 -13.77
CA ALA A 509 -3.14 7.50 -14.76
C ALA A 509 -3.55 8.88 -14.30
N GLU A 510 -4.36 8.99 -13.23
CA GLU A 510 -4.80 10.29 -12.77
C GLU A 510 -3.85 10.91 -11.76
N THR A 511 -2.84 10.18 -11.28
CA THR A 511 -1.90 10.69 -10.31
C THR A 511 -0.51 10.91 -10.90
N SER A 512 0.13 9.86 -11.41
CA SER A 512 1.47 10.01 -11.98
C SER A 512 1.61 9.04 -13.16
N ILE A 513 1.22 9.50 -14.35
CA ILE A 513 1.63 8.86 -15.59
C ILE A 513 2.17 9.94 -16.53
N THR A 514 1.40 11.00 -16.71
CA THR A 514 1.78 12.17 -17.50
C THR A 514 2.10 11.78 -18.95
N ILE A 515 1.04 11.34 -19.64
CA ILE A 515 1.16 11.10 -21.08
C ILE A 515 1.48 12.40 -21.81
N ASP A 516 0.86 13.50 -21.38
CA ASP A 516 1.12 14.83 -21.92
C ASP A 516 0.79 14.92 -23.41
N ASP A 517 -0.14 14.08 -23.87
CA ASP A 517 -0.56 14.10 -25.26
C ASP A 517 -2.08 14.01 -25.45
N VAL A 518 -2.82 13.50 -24.47
CA VAL A 518 -4.23 13.22 -24.66
C VAL A 518 -5.01 14.53 -24.82
N VAL A 519 -6.07 14.48 -25.64
CA VAL A 519 -7.01 15.58 -25.76
C VAL A 519 -8.44 15.19 -25.48
N TYR A 520 -8.82 13.92 -25.64
CA TYR A 520 -10.15 13.44 -25.30
C TYR A 520 -10.05 12.59 -24.04
N VAL A 521 -10.80 12.96 -23.02
CA VAL A 521 -10.83 12.24 -21.75
C VAL A 521 -12.24 11.74 -21.53
N ILE A 522 -12.38 10.46 -21.20
CA ILE A 522 -13.65 9.85 -20.86
C ILE A 522 -13.56 9.43 -19.40
N ASP A 523 -14.51 9.88 -18.59
CA ASP A 523 -14.47 9.66 -17.15
C ASP A 523 -15.73 8.90 -16.73
N GLY A 524 -15.62 7.58 -16.66
CA GLY A 524 -16.67 6.81 -16.04
C GLY A 524 -16.66 7.08 -14.56
N GLY A 525 -17.70 7.73 -14.05
CA GLY A 525 -17.65 8.27 -12.70
C GLY A 525 -17.72 7.23 -11.61
N LYS A 526 -16.74 6.34 -11.56
CA LYS A 526 -16.67 5.33 -10.51
C LYS A 526 -15.21 5.12 -10.12
N ILE A 527 -14.96 5.02 -8.82
CA ILE A 527 -13.64 4.77 -8.28
C ILE A 527 -13.76 3.66 -7.25
N LYS A 528 -12.63 3.06 -6.88
CA LYS A 528 -12.60 1.99 -5.91
C LYS A 528 -11.94 2.47 -4.62
N GLU A 529 -12.59 2.21 -3.49
CA GLU A 529 -12.10 2.63 -2.19
C GLU A 529 -11.96 1.43 -1.28
N THR A 530 -11.07 1.57 -0.29
CA THR A 530 -10.77 0.53 0.69
C THR A 530 -11.05 1.08 2.08
N HIS A 531 -12.22 0.78 2.62
CA HIS A 531 -12.60 1.27 3.93
C HIS A 531 -12.11 0.29 5.01
N PHE A 532 -12.59 0.48 6.24
CA PHE A 532 -12.22 -0.42 7.33
C PHE A 532 -13.38 -0.49 8.31
N ASP A 533 -13.92 -1.68 8.51
CA ASP A 533 -15.04 -1.90 9.40
C ASP A 533 -14.54 -2.25 10.79
N THR A 534 -14.79 -1.38 11.77
CA THR A 534 -14.29 -1.60 13.12
C THR A 534 -15.06 -2.69 13.83
N GLN A 535 -16.39 -2.74 13.65
CA GLN A 535 -17.20 -3.71 14.37
C GLN A 535 -16.85 -5.14 13.98
N ASN A 536 -16.68 -5.39 12.69
CA ASN A 536 -16.32 -6.71 12.21
C ASN A 536 -14.81 -6.92 12.12
N ASN A 537 -14.02 -5.88 12.37
CA ASN A 537 -12.55 -5.97 12.38
C ASN A 537 -12.02 -6.51 11.05
N ILE A 538 -12.61 -6.07 9.95
CA ILE A 538 -12.20 -6.49 8.61
C ILE A 538 -12.26 -5.29 7.68
N SER A 539 -11.27 -5.17 6.79
CA SER A 539 -11.21 -4.08 5.84
C SER A 539 -11.93 -4.49 4.56
N THR A 540 -12.79 -3.60 4.06
CA THR A 540 -13.58 -3.88 2.88
C THR A 540 -13.04 -3.11 1.67
N MET A 541 -13.62 -3.39 0.51
CA MET A 541 -13.25 -2.73 -0.73
C MET A 541 -14.50 -2.63 -1.60
N SER A 542 -14.85 -1.42 -2.02
CA SER A 542 -16.09 -1.21 -2.74
C SER A 542 -15.86 -0.20 -3.86
N ALA A 543 -16.90 0.01 -4.66
CA ALA A 543 -16.89 1.00 -5.73
C ALA A 543 -17.85 2.13 -5.37
N GLU A 544 -17.33 3.35 -5.37
CA GLU A 544 -18.10 4.52 -4.98
C GLU A 544 -17.95 5.60 -6.04
N TRP A 545 -18.90 6.54 -6.03
CA TRP A 545 -18.87 7.66 -6.95
C TRP A 545 -17.66 8.54 -6.68
N VAL A 546 -17.10 9.11 -7.75
CA VAL A 546 -15.93 9.97 -7.60
C VAL A 546 -16.34 11.26 -6.90
N SER A 547 -15.37 11.88 -6.23
CA SER A 547 -15.59 13.16 -5.57
C SER A 547 -15.34 14.30 -6.54
N LYS A 548 -15.68 15.52 -6.11
CA LYS A 548 -15.46 16.69 -6.95
C LYS A 548 -13.97 16.90 -7.21
N ALA A 549 -13.14 16.68 -6.20
CA ALA A 549 -11.69 16.77 -6.39
C ALA A 549 -11.20 15.74 -7.40
N ASN A 550 -11.73 14.51 -7.32
CA ASN A 550 -11.34 13.50 -8.30
C ASN A 550 -11.78 13.88 -9.70
N ALA A 551 -13.00 14.41 -9.84
CA ALA A 551 -13.47 14.84 -11.16
C ALA A 551 -12.61 15.95 -11.72
N LYS A 552 -12.25 16.93 -10.89
CA LYS A 552 -11.36 18.00 -11.34
C LYS A 552 -9.99 17.48 -11.73
N GLN A 553 -9.44 16.54 -10.95
CA GLN A 553 -8.14 15.97 -11.27
C GLN A 553 -8.17 15.22 -12.60
N ARG A 554 -9.24 14.46 -12.85
CA ARG A 554 -9.34 13.74 -14.11
C ARG A 554 -9.56 14.69 -15.28
N LYS A 555 -10.34 15.75 -15.07
CA LYS A 555 -10.57 16.71 -16.15
C LYS A 555 -9.31 17.51 -16.47
N GLY A 556 -8.47 17.78 -15.49
CA GLY A 556 -7.29 18.59 -15.71
C GLY A 556 -6.21 17.91 -16.53
N ARG A 557 -6.38 16.64 -16.88
CA ARG A 557 -5.42 15.93 -17.72
C ARG A 557 -5.67 16.13 -19.21
N ALA A 558 -6.78 16.76 -19.58
CA ALA A 558 -7.12 16.89 -21.01
C ALA A 558 -6.38 18.07 -21.65
N GLY A 559 -6.62 19.27 -21.15
CA GLY A 559 -6.03 20.46 -21.76
C GLY A 559 -4.71 20.87 -21.14
N ARG A 560 -3.61 20.51 -21.78
CA ARG A 560 -2.29 20.91 -21.31
C ARG A 560 -1.43 21.53 -22.41
N VAL A 561 -1.53 21.02 -23.64
CA VAL A 561 -0.74 21.55 -24.74
C VAL A 561 -1.67 21.88 -25.91
N GLN A 562 -2.92 21.44 -25.82
CA GLN A 562 -3.88 21.61 -26.90
C GLN A 562 -5.28 21.53 -26.33
N PRO A 563 -6.21 22.38 -26.76
CA PRO A 563 -7.57 22.31 -26.23
C PRO A 563 -8.19 20.95 -26.47
N GLY A 564 -8.93 20.47 -25.48
CA GLY A 564 -9.52 19.15 -25.56
C GLY A 564 -10.93 19.05 -25.03
N HIS A 565 -11.42 17.83 -24.83
CA HIS A 565 -12.78 17.60 -24.38
C HIS A 565 -12.78 16.59 -23.24
N CYS A 566 -13.71 16.76 -22.31
CA CYS A 566 -13.90 15.86 -21.18
C CYS A 566 -15.34 15.39 -21.18
N TYR A 567 -15.53 14.07 -21.16
CA TYR A 567 -16.84 13.44 -21.23
C TYR A 567 -17.09 12.72 -19.91
N HIS A 568 -17.87 13.33 -19.03
CA HIS A 568 -18.30 12.67 -17.81
C HIS A 568 -19.49 11.78 -18.10
N LEU A 569 -19.70 10.77 -17.26
CA LEU A 569 -20.74 9.78 -17.48
C LEU A 569 -21.74 9.75 -16.33
N TYR A 570 -22.16 10.91 -15.87
CA TYR A 570 -23.25 11.01 -14.91
C TYR A 570 -24.08 12.25 -15.20
N ASN A 571 -25.36 12.19 -14.85
CA ASN A 571 -26.26 13.31 -15.12
C ASN A 571 -25.93 14.48 -14.20
N SER A 572 -26.61 15.61 -14.46
CA SER A 572 -26.34 16.83 -13.70
C SER A 572 -26.72 16.69 -12.23
N LEU A 573 -27.79 15.95 -11.94
CA LEU A 573 -28.20 15.79 -10.54
C LEU A 573 -27.14 15.06 -9.73
N ARG A 574 -26.54 14.02 -10.31
CA ARG A 574 -25.46 13.33 -9.62
C ARG A 574 -24.22 14.21 -9.51
N ALA A 575 -23.97 15.05 -10.51
CA ALA A 575 -22.82 15.95 -10.44
C ALA A 575 -22.98 16.96 -9.32
N SER A 576 -24.20 17.45 -9.09
CA SER A 576 -24.43 18.43 -8.04
C SER A 576 -24.40 17.82 -6.65
N LEU A 577 -24.60 16.51 -6.54
CA LEU A 577 -24.65 15.84 -5.24
C LEU A 577 -23.37 15.06 -4.93
N LEU A 578 -22.32 15.26 -5.71
CA LEU A 578 -21.07 14.53 -5.48
C LEU A 578 -20.40 14.98 -4.19
N ASP A 579 -19.65 14.07 -3.59
CA ASP A 579 -18.92 14.39 -2.36
C ASP A 579 -17.86 15.44 -2.63
N ASP A 580 -17.69 16.37 -1.68
CA ASP A 580 -16.70 17.42 -1.86
C ASP A 580 -15.28 16.86 -1.88
N TYR A 581 -15.01 15.86 -1.04
CA TYR A 581 -13.70 15.25 -0.98
C TYR A 581 -13.86 13.80 -0.54
N GLN A 582 -12.87 12.99 -0.88
CA GLN A 582 -12.84 11.61 -0.39
C GLN A 582 -12.53 11.61 1.11
N LEU A 583 -12.90 10.51 1.76
CA LEU A 583 -12.65 10.39 3.19
C LEU A 583 -11.15 10.40 3.45
N PRO A 584 -10.67 11.15 4.43
CA PRO A 584 -9.23 11.14 4.74
C PRO A 584 -8.77 9.74 5.11
N GLU A 585 -7.55 9.40 4.68
CA GLU A 585 -7.04 8.06 4.91
C GLU A 585 -6.80 7.78 6.40
N ILE A 586 -6.68 8.82 7.22
CA ILE A 586 -6.59 8.63 8.67
C ILE A 586 -7.86 8.01 9.22
N LEU A 587 -9.00 8.17 8.55
CA LEU A 587 -10.32 7.66 9.05
C LEU A 587 -10.67 6.34 8.36
N ARG A 588 -9.77 5.73 7.61
CA ARG A 588 -9.93 4.36 7.04
C ARG A 588 -8.66 3.69 7.57
N THR A 589 -8.22 2.49 7.17
CA THR A 589 -6.93 1.85 7.59
C THR A 589 -6.73 1.51 9.08
N PRO A 590 -6.17 0.34 9.51
CA PRO A 590 -5.88 0.15 10.94
C PRO A 590 -4.80 1.10 11.42
N LEU A 591 -4.98 1.60 12.63
CA LEU A 591 -3.99 2.49 13.27
C LEU A 591 -3.12 1.70 14.24
N GLU A 592 -2.34 0.77 13.69
CA GLU A 592 -1.44 -0.05 14.48
C GLU A 592 0.00 0.42 14.42
N GLU A 593 0.55 0.58 13.21
CA GLU A 593 1.89 1.13 13.09
C GLU A 593 1.94 2.58 13.56
N LEU A 594 0.89 3.35 13.29
CA LEU A 594 0.84 4.73 13.76
C LEU A 594 0.90 4.79 15.29
N CYS A 595 0.24 3.85 15.96
CA CYS A 595 0.23 3.87 17.42
C CYS A 595 1.64 3.69 17.98
N LEU A 596 2.43 2.80 17.39
CA LEU A 596 3.82 2.66 17.81
C LEU A 596 4.66 3.86 17.40
N GLN A 597 4.36 4.47 16.25
CA GLN A 597 5.09 5.67 15.84
C GLN A 597 4.87 6.82 16.82
N ILE A 598 3.67 6.93 17.39
CA ILE A 598 3.42 7.98 18.37
C ILE A 598 4.30 7.79 19.60
N LYS A 599 4.43 6.55 20.08
CA LYS A 599 5.19 6.30 21.29
C LYS A 599 6.69 6.38 21.05
N ILE A 600 7.17 5.98 19.88
CA ILE A 600 8.62 6.00 19.66
C ILE A 600 9.13 7.44 19.55
N LEU A 601 8.31 8.35 19.04
CA LEU A 601 8.69 9.75 18.93
C LEU A 601 8.44 10.54 20.21
N ARG A 602 7.86 9.91 21.23
CA ARG A 602 7.51 10.57 22.50
C ARG A 602 6.68 11.82 22.25
N LEU A 603 5.75 11.73 21.29
CA LEU A 603 4.92 12.88 20.96
C LEU A 603 3.93 13.20 22.08
N GLY A 604 3.34 12.17 22.68
CA GLY A 604 2.35 12.42 23.71
C GLY A 604 1.75 11.18 24.35
N GLY A 605 0.42 11.17 24.49
CA GLY A 605 -0.27 10.15 25.24
C GLY A 605 -1.10 9.20 24.40
N ILE A 606 -0.54 8.72 23.29
CA ILE A 606 -1.10 7.74 22.36
C ILE A 606 -2.56 8.04 21.97
N ALA A 607 -3.40 8.34 22.95
CA ALA A 607 -4.78 8.72 22.68
C ALA A 607 -5.01 10.23 22.76
N HIS A 608 -4.18 10.95 23.50
CA HIS A 608 -4.30 12.40 23.56
C HIS A 608 -3.83 13.04 22.26
N PHE A 609 -2.76 12.52 21.66
CA PHE A 609 -2.26 13.09 20.42
C PHE A 609 -3.28 12.92 19.29
N LEU A 610 -3.90 11.74 19.19
CA LEU A 610 -4.82 11.47 18.09
C LEU A 610 -6.05 12.37 18.13
N SER A 611 -6.31 13.03 19.26
CA SER A 611 -7.40 14.00 19.33
C SER A 611 -7.01 15.36 18.77
N ARG A 612 -5.72 15.62 18.57
CA ARG A 612 -5.27 16.89 17.99
C ARG A 612 -5.14 16.83 16.47
N LEU A 613 -5.31 15.66 15.87
CA LEU A 613 -5.29 15.55 14.42
C LEU A 613 -6.51 16.23 13.80
N MET A 614 -6.34 16.75 12.60
CA MET A 614 -7.48 17.22 11.83
C MET A 614 -8.29 16.01 11.37
N ASP A 615 -9.61 16.07 11.60
CA ASP A 615 -10.49 14.92 11.40
C ASP A 615 -9.97 13.75 12.25
N PRO A 616 -10.10 13.83 13.57
CA PRO A 616 -9.55 12.77 14.41
C PRO A 616 -10.27 11.45 14.17
N PRO A 617 -9.58 10.33 14.32
CA PRO A 617 -10.23 9.02 14.14
C PRO A 617 -11.22 8.73 15.27
N SER A 618 -12.14 7.83 14.97
CA SER A 618 -13.16 7.46 15.95
C SER A 618 -12.51 6.77 17.15
N ASN A 619 -13.11 6.97 18.33
CA ASN A 619 -12.53 6.44 19.56
C ASN A 619 -12.53 4.91 19.56
N GLU A 620 -13.52 4.29 18.93
CA GLU A 620 -13.58 2.84 18.90
C GLU A 620 -12.36 2.24 18.19
N ALA A 621 -11.96 2.85 17.08
CA ALA A 621 -10.77 2.36 16.37
C ALA A 621 -9.51 2.49 17.22
N VAL A 622 -9.36 3.61 17.93
CA VAL A 622 -8.19 3.78 18.78
C VAL A 622 -8.17 2.74 19.89
N LEU A 623 -9.32 2.51 20.54
CA LEU A 623 -9.39 1.50 21.59
C LEU A 623 -9.08 0.12 21.05
N LEU A 624 -9.61 -0.21 19.87
CA LEU A 624 -9.35 -1.53 19.28
C LEU A 624 -7.88 -1.70 18.97
N SER A 625 -7.24 -0.67 18.41
CA SER A 625 -5.81 -0.77 18.09
C SER A 625 -4.98 -0.92 19.35
N ILE A 626 -5.32 -0.18 20.41
CA ILE A 626 -4.58 -0.29 21.67
C ILE A 626 -4.74 -1.68 22.25
N LYS A 627 -5.97 -2.23 22.22
CA LYS A 627 -6.19 -3.58 22.73
C LYS A 627 -5.41 -4.61 21.92
N HIS A 628 -5.38 -4.46 20.60
CA HIS A 628 -4.63 -5.39 19.76
C HIS A 628 -3.15 -5.34 20.07
N LEU A 629 -2.61 -4.13 20.25
CA LEU A 629 -1.19 -4.01 20.60
C LEU A 629 -0.91 -4.61 21.97
N MET A 630 -1.81 -4.42 22.93
CA MET A 630 -1.62 -5.03 24.25
C MET A 630 -1.63 -6.55 24.16
N GLU A 631 -2.52 -7.12 23.34
CA GLU A 631 -2.55 -8.56 23.14
C GLU A 631 -1.26 -9.03 22.49
N LEU A 632 -0.72 -8.26 21.54
CA LEU A 632 0.52 -8.61 20.88
C LEU A 632 1.73 -8.50 21.81
N ASN A 633 1.55 -7.93 23.00
CA ASN A 633 2.59 -7.72 24.01
C ASN A 633 3.63 -6.69 23.58
N ALA A 634 3.31 -5.87 22.58
CA ALA A 634 4.20 -4.77 22.22
C ALA A 634 4.08 -3.62 23.22
N LEU A 635 2.88 -3.36 23.71
CA LEU A 635 2.63 -2.29 24.65
C LEU A 635 2.47 -2.83 26.07
N ASP A 636 2.93 -2.06 27.04
CA ASP A 636 2.86 -2.45 28.43
C ASP A 636 1.42 -2.36 28.94
N LYS A 637 1.23 -2.68 30.21
CA LYS A 637 -0.10 -2.60 30.81
C LYS A 637 -0.60 -1.17 30.86
N GLN A 638 0.30 -0.19 30.97
CA GLN A 638 -0.05 1.21 30.97
C GLN A 638 0.60 1.95 29.81
N GLU A 639 0.76 1.27 28.67
CA GLU A 639 1.29 1.86 27.44
C GLU A 639 2.68 2.46 27.67
N GLU A 640 3.63 1.59 27.99
CA GLU A 640 4.99 2.02 28.30
C GLU A 640 6.04 1.47 27.35
N LEU A 641 5.64 0.87 26.22
CA LEU A 641 6.54 0.44 25.17
C LEU A 641 7.59 -0.55 25.69
N THR A 642 7.09 -1.75 26.02
CA THR A 642 7.89 -2.89 26.46
C THR A 642 9.07 -3.13 25.53
N PRO A 643 10.14 -3.81 25.99
CA PRO A 643 11.36 -3.90 25.17
C PRO A 643 11.15 -4.49 23.78
N LEU A 644 10.18 -5.39 23.60
CA LEU A 644 9.86 -5.86 22.27
C LEU A 644 9.27 -4.73 21.42
N GLY A 645 8.52 -3.84 22.05
CA GLY A 645 7.91 -2.73 21.34
C GLY A 645 8.89 -1.77 20.72
N VAL A 646 10.03 -1.55 21.36
CA VAL A 646 11.04 -0.65 20.79
C VAL A 646 11.57 -1.21 19.47
N HIS A 647 11.92 -2.50 19.47
CA HIS A 647 12.40 -3.13 18.23
C HIS A 647 11.31 -3.17 17.17
N LEU A 648 10.06 -3.41 17.59
CA LEU A 648 8.96 -3.42 16.63
C LEU A 648 8.76 -2.04 16.01
N ALA A 649 8.89 -0.98 16.80
CA ALA A 649 8.65 0.36 16.30
C ALA A 649 9.78 0.84 15.41
N ARG A 650 11.03 0.55 15.79
CA ARG A 650 12.16 1.04 15.01
C ARG A 650 12.29 0.35 13.65
N LEU A 651 11.65 -0.80 13.47
CA LEU A 651 11.67 -1.46 12.17
C LEU A 651 10.64 -0.82 11.24
N PRO A 652 10.97 -0.58 9.98
CA PRO A 652 10.06 0.09 9.04
C PRO A 652 9.02 -0.84 8.42
N VAL A 653 8.37 -1.64 9.25
CA VAL A 653 7.32 -2.58 8.81
C VAL A 653 6.26 -2.67 9.91
N GLU A 654 5.21 -3.43 9.61
CA GLU A 654 4.15 -3.67 10.57
C GLU A 654 4.67 -4.51 11.74
N PRO A 655 4.02 -4.41 12.91
CA PRO A 655 4.50 -5.20 14.06
C PRO A 655 4.51 -6.70 13.81
N HIS A 656 3.51 -7.22 13.09
CA HIS A 656 3.48 -8.65 12.81
C HIS A 656 4.67 -9.08 11.98
N ILE A 657 5.04 -8.28 10.98
CA ILE A 657 6.21 -8.60 10.16
C ILE A 657 7.49 -8.40 10.96
N GLY A 658 7.51 -7.39 11.84
CA GLY A 658 8.70 -7.17 12.66
C GLY A 658 8.99 -8.33 13.59
N LYS A 659 7.94 -8.89 14.20
CA LYS A 659 8.15 -10.06 15.05
C LYS A 659 8.64 -11.26 14.23
N MET A 660 8.14 -11.43 13.01
CA MET A 660 8.64 -12.49 12.15
C MET A 660 10.12 -12.30 11.85
N ILE A 661 10.53 -11.06 11.57
CA ILE A 661 11.94 -10.78 11.30
C ILE A 661 12.79 -11.12 12.51
N LEU A 662 12.35 -10.67 13.70
CA LEU A 662 13.13 -10.94 14.91
C LEU A 662 13.25 -12.44 15.17
N PHE A 663 12.15 -13.17 15.03
CA PHE A 663 12.19 -14.62 15.26
C PHE A 663 13.03 -15.34 14.22
N GLY A 664 12.98 -14.92 12.95
CA GLY A 664 13.87 -15.49 11.97
C GLY A 664 15.32 -15.24 12.27
N ALA A 665 15.64 -14.05 12.78
CA ALA A 665 17.00 -13.78 13.21
C ALA A 665 17.41 -14.68 14.37
N LEU A 666 16.49 -14.93 15.31
CA LEU A 666 16.82 -15.75 16.47
C LEU A 666 17.09 -17.20 16.08
N PHE A 667 16.33 -17.74 15.13
CA PHE A 667 16.41 -19.15 14.77
C PHE A 667 17.41 -19.44 13.65
N CYS A 668 18.16 -18.43 13.20
CA CYS A 668 19.22 -18.61 12.20
C CYS A 668 18.65 -19.09 10.86
N CYS A 669 17.62 -18.42 10.39
CA CYS A 669 17.02 -18.62 9.07
C CYS A 669 16.79 -17.28 8.40
N LEU A 670 17.82 -16.44 8.41
CA LEU A 670 17.66 -15.02 8.13
C LEU A 670 17.22 -14.75 6.70
N ASP A 671 17.79 -15.46 5.71
CA ASP A 671 17.62 -15.04 4.32
C ASP A 671 16.19 -15.25 3.82
N PRO A 672 15.62 -16.47 3.83
CA PRO A 672 14.25 -16.61 3.34
C PRO A 672 13.23 -15.84 4.15
N VAL A 673 13.43 -15.74 5.47
CA VAL A 673 12.51 -14.96 6.30
C VAL A 673 12.56 -13.49 5.93
N LEU A 674 13.76 -12.97 5.68
CA LEU A 674 13.88 -11.57 5.25
C LEU A 674 13.22 -11.36 3.89
N THR A 675 13.38 -12.33 2.98
CA THR A 675 12.73 -12.21 1.67
C THR A 675 11.22 -12.18 1.82
N ILE A 676 10.67 -13.06 2.65
CA ILE A 676 9.22 -13.10 2.86
C ILE A 676 8.74 -11.80 3.49
N ALA A 677 9.49 -11.29 4.48
CA ALA A 677 9.10 -10.04 5.13
C ALA A 677 9.14 -8.88 4.15
N ALA A 678 10.16 -8.83 3.29
CA ALA A 678 10.25 -7.76 2.30
C ALA A 678 9.10 -7.85 1.31
N SER A 679 8.73 -9.06 0.89
CA SER A 679 7.64 -9.21 -0.06
C SER A 679 6.26 -9.08 0.56
N LEU A 680 6.16 -9.14 1.89
CA LEU A 680 4.88 -8.97 2.56
C LEU A 680 4.54 -7.51 2.83
N SER A 681 5.49 -6.59 2.65
CA SER A 681 5.25 -5.18 2.91
C SER A 681 5.35 -4.30 1.67
N PHE A 682 5.79 -4.84 0.53
CA PHE A 682 5.87 -4.05 -0.70
C PHE A 682 5.63 -5.00 -1.88
N LYS A 683 4.37 -5.08 -2.31
CA LYS A 683 3.98 -5.81 -3.52
C LYS A 683 4.54 -7.23 -3.57
N ASP A 684 4.63 -7.78 -4.77
CA ASP A 684 5.24 -9.09 -5.01
C ASP A 684 5.71 -9.10 -6.46
N PRO A 685 6.74 -9.89 -6.77
CA PRO A 685 7.37 -9.79 -8.10
C PRO A 685 6.58 -10.40 -9.25
N PHE A 686 5.31 -10.72 -9.07
CA PHE A 686 4.52 -11.36 -10.11
C PHE A 686 3.63 -10.33 -10.79
N VAL A 687 3.65 -10.32 -12.12
CA VAL A 687 2.81 -9.45 -12.94
C VAL A 687 2.07 -10.29 -13.95
N ILE A 688 0.78 -10.02 -14.13
CA ILE A 688 -0.09 -10.78 -15.01
C ILE A 688 -0.47 -9.89 -16.19
N PRO A 689 -0.01 -10.18 -17.40
CA PRO A 689 -0.42 -9.39 -18.56
C PRO A 689 -1.89 -9.58 -18.87
N LEU A 690 -2.43 -8.67 -19.67
CA LEU A 690 -3.86 -8.67 -19.95
C LEU A 690 -4.27 -9.91 -20.72
N GLY A 691 -3.54 -10.25 -21.78
CA GLY A 691 -3.94 -11.37 -22.61
C GLY A 691 -3.81 -12.71 -21.93
N LYS A 692 -2.74 -12.91 -21.16
CA LYS A 692 -2.39 -14.22 -20.61
C LYS A 692 -2.53 -14.18 -19.09
N GLU A 693 -3.64 -14.71 -18.60
CA GLU A 693 -3.86 -14.88 -17.17
C GLU A 693 -3.82 -16.33 -16.71
N LYS A 694 -4.35 -17.26 -17.52
CA LYS A 694 -4.26 -18.67 -17.18
C LYS A 694 -2.81 -19.15 -17.20
N VAL A 695 -2.02 -18.67 -18.17
CA VAL A 695 -0.63 -19.10 -18.28
C VAL A 695 0.17 -18.64 -17.06
N ALA A 696 -0.07 -17.42 -16.60
CA ALA A 696 0.64 -16.92 -15.43
C ALA A 696 0.32 -17.74 -14.19
N ASP A 697 -0.96 -18.06 -13.99
CA ASP A 697 -1.35 -18.88 -12.84
C ASP A 697 -0.85 -20.32 -12.98
N ALA A 698 -0.66 -20.80 -14.20
CA ALA A 698 -0.11 -22.14 -14.40
C ALA A 698 1.39 -22.18 -14.15
N ARG A 699 2.10 -21.11 -14.48
CA ARG A 699 3.55 -21.06 -14.28
C ARG A 699 3.93 -20.55 -12.90
N ARG A 700 3.00 -20.03 -12.12
CA ARG A 700 3.27 -19.73 -10.72
C ARG A 700 3.14 -20.97 -9.83
N LYS A 701 2.17 -21.84 -10.11
CA LYS A 701 2.07 -23.09 -9.38
C LYS A 701 3.29 -23.97 -9.59
N GLU A 702 3.89 -23.91 -10.79
CA GLU A 702 5.14 -24.63 -11.01
C GLU A 702 6.26 -24.09 -10.13
N LEU A 703 6.31 -22.77 -9.94
CA LEU A 703 7.26 -22.19 -9.00
C LEU A 703 6.98 -22.65 -7.57
N ALA A 704 5.70 -22.78 -7.22
CA ALA A 704 5.33 -23.22 -5.87
C ALA A 704 5.80 -24.63 -5.56
N LYS A 705 6.10 -25.45 -6.57
CA LYS A 705 6.52 -26.83 -6.40
C LYS A 705 5.52 -27.62 -5.55
N ASP A 706 6.00 -28.21 -4.46
CA ASP A 706 5.16 -29.02 -3.59
C ASP A 706 5.13 -28.49 -2.16
N THR A 707 5.44 -27.21 -1.96
CA THR A 707 5.45 -26.64 -0.62
C THR A 707 4.05 -26.40 -0.09
N LYS A 708 3.04 -26.35 -0.97
CA LYS A 708 1.66 -26.06 -0.58
C LYS A 708 1.57 -24.74 0.18
N SER A 709 2.40 -23.78 -0.23
CA SER A 709 2.50 -22.50 0.44
C SER A 709 2.51 -21.37 -0.59
N ASP A 710 2.12 -20.18 -0.15
CA ASP A 710 2.13 -19.00 -0.99
C ASP A 710 3.34 -18.11 -0.74
N HIS A 711 3.81 -18.02 0.51
CA HIS A 711 4.99 -17.22 0.80
C HIS A 711 6.27 -17.88 0.32
N LEU A 712 6.27 -19.21 0.20
CA LEU A 712 7.46 -19.92 -0.27
C LEU A 712 7.69 -19.76 -1.77
N THR A 713 6.64 -19.45 -2.54
CA THR A 713 6.83 -19.19 -3.96
C THR A 713 7.68 -17.96 -4.20
N VAL A 714 7.53 -16.93 -3.36
CA VAL A 714 8.38 -15.75 -3.48
C VAL A 714 9.84 -16.11 -3.22
N VAL A 715 10.08 -16.94 -2.21
CA VAL A 715 11.45 -17.37 -1.92
C VAL A 715 12.03 -18.15 -3.09
N ASN A 716 11.23 -19.05 -3.67
CA ASN A 716 11.71 -19.83 -4.80
C ASN A 716 12.01 -18.94 -6.01
N ALA A 717 11.13 -17.98 -6.29
CA ALA A 717 11.35 -17.08 -7.40
C ALA A 717 12.59 -16.22 -7.21
N PHE A 718 12.79 -15.71 -5.98
CA PHE A 718 13.97 -14.91 -5.70
C PHE A 718 15.24 -15.74 -5.83
N LYS A 719 15.21 -17.00 -5.35
CA LYS A 719 16.38 -17.86 -5.47
C LYS A 719 16.70 -18.13 -6.95
N GLY A 720 15.67 -18.40 -7.75
CA GLY A 720 15.90 -18.60 -9.16
C GLY A 720 16.45 -17.36 -9.84
N TRP A 721 15.92 -16.19 -9.50
CA TRP A 721 16.42 -14.95 -10.08
C TRP A 721 17.88 -14.71 -9.72
N GLU A 722 18.24 -14.94 -8.46
CA GLU A 722 19.62 -14.76 -8.05
C GLU A 722 20.54 -15.75 -8.75
N LYS A 723 20.10 -17.01 -8.89
CA LYS A 723 20.91 -17.99 -9.61
C LYS A 723 21.03 -17.66 -11.10
N ALA A 724 20.04 -16.97 -11.67
CA ALA A 724 20.09 -16.62 -13.08
C ALA A 724 20.88 -15.35 -13.35
N LYS A 725 20.95 -14.43 -12.39
CA LYS A 725 21.67 -13.18 -12.60
C LYS A 725 23.15 -13.43 -12.84
N GLN A 726 23.75 -14.36 -12.08
CA GLN A 726 25.18 -14.61 -12.21
C GLN A 726 25.54 -15.15 -13.59
N ARG A 727 24.61 -15.84 -14.24
CA ARG A 727 24.92 -16.43 -15.55
C ARG A 727 25.18 -15.36 -16.60
N GLY A 728 24.37 -14.31 -16.61
CA GLY A 728 24.55 -13.24 -17.59
C GLY A 728 23.36 -12.32 -17.61
N PHE A 729 23.51 -11.23 -18.36
CA PHE A 729 22.45 -10.23 -18.44
C PHE A 729 21.26 -10.74 -19.24
N ARG A 730 21.51 -11.41 -20.37
CA ARG A 730 20.42 -11.91 -21.19
C ARG A 730 19.65 -13.00 -20.47
N TYR A 731 20.34 -13.84 -19.71
CA TYR A 731 19.67 -14.91 -18.97
C TYR A 731 18.70 -14.35 -17.94
N GLU A 732 19.04 -13.23 -17.30
CA GLU A 732 18.13 -12.62 -16.34
C GLU A 732 16.84 -12.17 -17.02
N LYS A 733 16.95 -11.51 -18.16
CA LYS A 733 15.76 -11.08 -18.89
C LYS A 733 14.94 -12.28 -19.35
N ASP A 734 15.60 -13.33 -19.83
CA ASP A 734 14.89 -14.54 -20.23
C ASP A 734 14.13 -15.16 -19.06
N TYR A 735 14.77 -15.23 -17.90
CA TYR A 735 14.12 -15.80 -16.72
C TYR A 735 12.93 -14.96 -16.28
N CYS A 736 13.08 -13.63 -16.27
CA CYS A 736 11.96 -12.77 -15.90
C CYS A 736 10.82 -12.83 -16.91
N TRP A 737 11.13 -13.07 -18.19
CA TRP A 737 10.07 -13.20 -19.19
C TRP A 737 9.34 -14.53 -19.06
N GLU A 738 10.08 -15.62 -18.81
CA GLU A 738 9.48 -16.94 -18.79
C GLU A 738 8.47 -17.09 -17.65
N TYR A 739 8.79 -16.56 -16.48
CA TYR A 739 7.96 -16.73 -15.29
C TYR A 739 7.12 -15.51 -14.97
N PHE A 740 7.04 -14.53 -15.89
CA PHE A 740 6.23 -13.33 -15.72
C PHE A 740 6.60 -12.59 -14.44
N LEU A 741 7.89 -12.42 -14.21
CA LEU A 741 8.38 -11.68 -13.05
C LEU A 741 8.60 -10.21 -13.40
N SER A 742 9.02 -9.44 -12.41
CA SER A 742 9.34 -8.03 -12.56
C SER A 742 10.73 -7.80 -12.00
N SER A 743 11.61 -7.19 -12.80
CA SER A 743 12.99 -6.99 -12.37
C SER A 743 13.10 -5.86 -11.34
N ASN A 744 12.35 -4.78 -11.54
CA ASN A 744 12.44 -3.63 -10.64
C ASN A 744 11.99 -4.01 -9.23
N THR A 745 10.89 -4.76 -9.13
CA THR A 745 10.40 -5.18 -7.82
C THR A 745 11.42 -6.09 -7.14
N LEU A 746 12.07 -6.98 -7.90
CA LEU A 746 13.07 -7.86 -7.31
C LEU A 746 14.27 -7.07 -6.81
N GLN A 747 14.71 -6.06 -7.56
CA GLN A 747 15.81 -5.23 -7.10
C GLN A 747 15.43 -4.46 -5.83
N MET A 748 14.20 -3.95 -5.78
CA MET A 748 13.75 -3.26 -4.57
C MET A 748 13.69 -4.21 -3.39
N LEU A 749 13.26 -5.46 -3.60
CA LEU A 749 13.26 -6.46 -2.54
C LEU A 749 14.67 -6.74 -2.05
N HIS A 750 15.64 -6.82 -2.96
CA HIS A 750 17.03 -7.01 -2.57
C HIS A 750 17.52 -5.87 -1.69
N ASN A 751 17.23 -4.62 -2.09
CA ASN A 751 17.64 -3.47 -1.30
C ASN A 751 16.97 -3.49 0.08
N MET A 752 15.70 -3.85 0.14
CA MET A 752 14.99 -3.91 1.41
C MET A 752 15.59 -4.98 2.32
N LYS A 753 15.97 -6.12 1.74
CA LYS A 753 16.63 -7.16 2.53
C LYS A 753 17.94 -6.64 3.10
N GLY A 754 18.72 -5.93 2.29
CA GLY A 754 19.96 -5.35 2.79
C GLY A 754 19.71 -4.38 3.94
N GLN A 755 18.69 -3.54 3.81
CA GLN A 755 18.37 -2.59 4.88
C GLN A 755 17.97 -3.30 6.16
N PHE A 756 17.14 -4.34 6.05
CA PHE A 756 16.72 -5.09 7.23
C PHE A 756 17.90 -5.74 7.92
N ALA A 757 18.82 -6.33 7.13
CA ALA A 757 20.00 -6.94 7.73
C ALA A 757 20.89 -5.91 8.41
N GLU A 758 21.01 -4.72 7.81
CA GLU A 758 21.81 -3.65 8.42
C GLU A 758 21.21 -3.26 9.77
N HIS A 759 19.89 -3.08 9.82
CA HIS A 759 19.26 -2.74 11.09
C HIS A 759 19.43 -3.85 12.13
N LEU A 760 19.29 -5.11 11.71
CA LEU A 760 19.47 -6.21 12.65
C LEU A 760 20.87 -6.26 13.20
N LEU A 761 21.88 -6.00 12.36
CA LEU A 761 23.25 -5.89 12.85
C LEU A 761 23.37 -4.75 13.85
N GLY A 762 22.73 -3.62 13.55
CA GLY A 762 22.78 -2.49 14.47
C GLY A 762 22.20 -2.82 15.83
N ALA A 763 21.08 -3.54 15.85
CA ALA A 763 20.48 -3.95 17.13
C ALA A 763 21.38 -4.92 17.88
N GLY A 764 22.03 -5.84 17.17
CA GLY A 764 22.92 -6.80 17.77
C GLY A 764 22.50 -8.26 17.62
N PHE A 765 21.39 -8.56 16.96
CA PHE A 765 20.96 -9.94 16.82
C PHE A 765 21.92 -10.75 15.96
N VAL A 766 22.44 -10.15 14.89
CA VAL A 766 23.35 -10.84 13.98
C VAL A 766 24.73 -10.23 14.08
N SER A 767 25.70 -10.79 13.35
CA SER A 767 27.09 -10.35 13.44
C SER A 767 27.63 -9.81 12.13
N SER A 768 26.78 -9.57 11.13
CA SER A 768 27.26 -9.05 9.86
C SER A 768 26.11 -8.37 9.13
N ARG A 769 26.45 -7.31 8.40
CA ARG A 769 25.44 -6.59 7.61
C ARG A 769 24.98 -7.38 6.40
N ASN A 770 25.76 -8.37 5.96
CA ASN A 770 25.37 -9.18 4.81
C ASN A 770 24.26 -10.14 5.22
N PRO A 771 23.10 -10.13 4.55
CA PRO A 771 22.01 -11.04 4.92
C PRO A 771 22.18 -12.47 4.45
N GLN A 772 23.36 -12.85 3.98
CA GLN A 772 23.60 -14.21 3.50
C GLN A 772 24.87 -14.80 4.11
N ASP A 773 25.25 -14.32 5.29
CA ASP A 773 26.40 -14.90 5.98
C ASP A 773 26.10 -16.34 6.37
N PRO A 774 27.11 -17.23 6.32
CA PRO A 774 26.85 -18.64 6.60
C PRO A 774 26.71 -18.98 8.07
N GLU A 775 27.04 -18.06 8.98
CA GLU A 775 26.90 -18.35 10.39
C GLU A 775 25.43 -18.32 10.80
N SER A 776 24.69 -17.33 10.30
CA SER A 776 23.29 -17.14 10.69
C SER A 776 22.30 -17.70 9.68
N ASN A 777 22.70 -18.74 8.94
CA ASN A 777 21.83 -19.38 7.97
C ASN A 777 21.92 -20.89 8.08
N ILE A 778 22.05 -21.40 9.32
CA ILE A 778 22.17 -22.84 9.53
C ILE A 778 20.88 -23.56 9.11
N ASN A 779 19.74 -23.09 9.62
CA ASN A 779 18.45 -23.70 9.30
C ASN A 779 17.76 -22.91 8.19
N SER A 780 18.44 -22.77 7.06
CA SER A 780 17.91 -22.05 5.92
C SER A 780 17.45 -22.94 4.78
N ASP A 781 17.84 -24.21 4.78
CA ASP A 781 17.43 -25.15 3.75
C ASP A 781 16.23 -26.00 4.17
N ASN A 782 15.65 -25.74 5.34
CA ASN A 782 14.50 -26.48 5.83
C ASN A 782 13.26 -25.61 5.68
N GLU A 783 12.26 -26.12 4.96
CA GLU A 783 11.00 -25.39 4.83
C GLU A 783 10.16 -25.46 6.09
N LYS A 784 10.31 -26.52 6.88
CA LYS A 784 9.53 -26.65 8.10
C LYS A 784 9.89 -25.57 9.11
N ILE A 785 11.18 -25.26 9.25
CA ILE A 785 11.60 -24.20 10.16
C ILE A 785 11.10 -22.85 9.69
N ILE A 786 11.14 -22.60 8.37
CA ILE A 786 10.64 -21.34 7.84
C ILE A 786 9.14 -21.21 8.10
N LYS A 787 8.39 -22.29 7.89
CA LYS A 787 6.96 -22.25 8.17
C LYS A 787 6.69 -22.03 9.66
N ALA A 788 7.50 -22.63 10.53
CA ALA A 788 7.35 -22.41 11.96
C ALA A 788 7.60 -20.95 12.33
N VAL A 789 8.62 -20.34 11.74
CA VAL A 789 8.91 -18.94 12.01
C VAL A 789 7.77 -18.05 11.50
N ILE A 790 7.26 -18.35 10.31
CA ILE A 790 6.15 -17.57 9.77
C ILE A 790 4.92 -17.68 10.66
N CYS A 791 4.62 -18.89 11.14
CA CYS A 791 3.51 -19.06 12.06
C CYS A 791 3.75 -18.32 13.36
N ALA A 792 5.01 -18.24 13.80
CA ALA A 792 5.33 -17.44 14.98
C ALA A 792 5.04 -15.97 14.74
N GLY A 793 5.32 -15.48 13.55
CA GLY A 793 5.04 -14.09 13.22
C GLY A 793 3.55 -13.78 13.14
N LEU A 794 2.85 -14.44 12.25
CA LEU A 794 1.42 -14.21 12.03
C LEU A 794 0.57 -15.25 12.76
N TYR A 795 0.57 -15.20 14.09
CA TYR A 795 -0.16 -16.23 14.81
C TYR A 795 -1.67 -16.03 14.81
N PRO A 796 -2.20 -14.87 15.23
CA PRO A 796 -3.66 -14.79 15.44
C PRO A 796 -4.47 -15.05 14.18
N LYS A 797 -3.88 -14.94 13.00
CA LYS A 797 -4.57 -15.23 11.75
C LYS A 797 -4.36 -16.71 11.40
N VAL A 798 -5.24 -17.54 11.94
CA VAL A 798 -5.23 -18.98 11.70
C VAL A 798 -6.62 -19.41 11.27
N ALA A 799 -6.69 -20.16 10.17
CA ALA A 799 -7.95 -20.62 9.60
C ALA A 799 -7.97 -22.13 9.54
N LYS A 800 -9.12 -22.71 9.82
CA LYS A 800 -9.31 -24.16 9.71
C LYS A 800 -9.84 -24.50 8.33
N ILE A 801 -9.45 -25.66 7.81
CA ILE A 801 -9.97 -26.15 6.55
C ILE A 801 -10.62 -27.51 6.79
N ARG A 802 -11.73 -27.75 6.10
CA ARG A 802 -12.46 -29.00 6.21
C ARG A 802 -12.71 -29.54 4.81
N LEU A 803 -12.28 -30.79 4.58
CA LEU A 803 -12.44 -31.42 3.27
C LEU A 803 -13.72 -32.24 3.29
N ASN A 804 -14.74 -31.78 2.57
CA ASN A 804 -16.02 -32.48 2.52
C ASN A 804 -15.85 -33.70 1.62
N LEU A 805 -15.44 -34.81 2.23
CA LEU A 805 -15.22 -36.03 1.46
C LEU A 805 -16.50 -36.48 0.78
N GLY A 806 -16.38 -36.87 -0.48
CA GLY A 806 -17.54 -37.24 -1.27
C GLY A 806 -18.28 -36.01 -1.79
N LYS A 807 -19.61 -36.10 -1.84
CA LYS A 807 -20.47 -35.02 -2.31
C LYS A 807 -20.05 -34.57 -3.72
N LYS A 808 -20.14 -35.51 -4.66
CA LYS A 808 -19.75 -35.29 -6.04
C LYS A 808 -18.30 -34.84 -6.12
N ARG A 809 -18.08 -33.55 -6.30
CA ARG A 809 -16.73 -32.99 -6.35
C ARG A 809 -16.21 -32.73 -4.94
N LYS A 810 -15.01 -33.22 -4.64
CA LYS A 810 -14.40 -33.00 -3.34
C LYS A 810 -14.04 -31.53 -3.21
N MET A 811 -14.54 -30.88 -2.16
CA MET A 811 -14.36 -29.45 -1.97
C MET A 811 -13.92 -29.17 -0.54
N VAL A 812 -13.13 -28.11 -0.39
CA VAL A 812 -12.58 -27.68 0.90
C VAL A 812 -13.28 -26.40 1.31
N LYS A 813 -13.73 -26.35 2.56
CA LYS A 813 -14.35 -25.16 3.14
C LYS A 813 -13.44 -24.60 4.21
N VAL A 814 -13.20 -23.29 4.15
CA VAL A 814 -12.29 -22.62 5.09
C VAL A 814 -13.11 -21.80 6.07
N TYR A 815 -12.81 -21.97 7.36
CA TYR A 815 -13.50 -21.29 8.44
C TYR A 815 -12.50 -20.52 9.29
N THR A 816 -12.99 -19.48 9.95
CA THR A 816 -12.17 -18.68 10.85
C THR A 816 -12.91 -18.53 12.17
N LYS A 817 -12.16 -18.17 13.22
CA LYS A 817 -12.73 -18.10 14.56
C LYS A 817 -13.85 -17.07 14.62
N THR A 818 -13.65 -15.90 14.00
CA THR A 818 -14.61 -14.81 14.07
C THR A 818 -15.30 -14.49 12.76
N ASP A 819 -14.58 -14.55 11.64
CA ASP A 819 -15.11 -14.08 10.36
C ASP A 819 -15.81 -15.17 9.57
N GLY A 820 -16.75 -15.88 10.22
CA GLY A 820 -17.61 -16.83 9.56
C GLY A 820 -16.93 -17.85 8.68
N VAL A 821 -17.23 -17.82 7.39
CA VAL A 821 -16.70 -18.77 6.41
C VAL A 821 -16.00 -17.97 5.33
N VAL A 822 -14.66 -17.95 5.37
CA VAL A 822 -13.87 -17.24 4.36
C VAL A 822 -13.60 -18.18 3.20
N ALA A 823 -13.15 -17.62 2.07
CA ALA A 823 -12.79 -18.39 0.89
C ALA A 823 -11.44 -17.93 0.37
N ILE A 824 -10.71 -18.86 -0.23
CA ILE A 824 -9.36 -18.56 -0.73
C ILE A 824 -9.47 -17.82 -2.05
N HIS A 825 -8.73 -16.72 -2.18
CA HIS A 825 -8.75 -15.94 -3.39
C HIS A 825 -8.21 -16.76 -4.56
N PRO A 826 -8.77 -16.60 -5.77
CA PRO A 826 -8.28 -17.40 -6.90
C PRO A 826 -6.83 -17.12 -7.27
N LYS A 827 -6.27 -15.97 -6.89
CA LYS A 827 -4.88 -15.68 -7.22
C LYS A 827 -3.91 -16.50 -6.38
N SER A 828 -4.35 -17.04 -5.24
CA SER A 828 -3.47 -17.81 -4.39
C SER A 828 -3.12 -19.15 -5.03
N VAL A 829 -2.02 -19.74 -4.56
CA VAL A 829 -1.57 -21.02 -5.09
C VAL A 829 -2.52 -22.14 -4.68
N ASN A 830 -3.00 -22.10 -3.43
CA ASN A 830 -3.80 -23.18 -2.86
C ASN A 830 -5.28 -23.07 -3.20
N VAL A 831 -5.64 -22.35 -4.26
CA VAL A 831 -7.05 -22.17 -4.58
C VAL A 831 -7.67 -23.49 -5.03
N GLU A 832 -6.97 -24.24 -5.87
CA GLU A 832 -7.48 -25.49 -6.42
C GLU A 832 -6.93 -26.72 -5.71
N GLN A 833 -6.16 -26.55 -4.65
CA GLN A 833 -5.58 -27.68 -3.94
C GLN A 833 -6.68 -28.46 -3.23
N THR A 834 -6.52 -29.78 -3.19
CA THR A 834 -7.47 -30.66 -2.51
C THR A 834 -6.81 -31.69 -1.61
N GLU A 835 -5.48 -31.78 -1.58
CA GLU A 835 -4.77 -32.73 -0.72
C GLU A 835 -3.88 -31.94 0.22
N PHE A 836 -4.28 -31.85 1.47
CA PHE A 836 -3.54 -31.10 2.50
C PHE A 836 -3.03 -32.06 3.55
N ASN A 837 -1.74 -31.98 3.86
CA ASN A 837 -1.17 -32.80 4.93
C ASN A 837 -1.77 -32.43 6.28
N TYR A 838 -1.89 -31.14 6.56
CA TYR A 838 -2.44 -30.64 7.81
C TYR A 838 -3.61 -29.70 7.52
N ASN A 839 -4.65 -29.81 8.33
CA ASN A 839 -5.88 -29.03 8.12
C ASN A 839 -5.84 -27.70 8.86
N TRP A 840 -4.79 -26.91 8.62
CA TRP A 840 -4.67 -25.60 9.24
C TRP A 840 -3.91 -24.68 8.29
N LEU A 841 -4.31 -23.42 8.24
CA LEU A 841 -3.72 -22.44 7.36
C LEU A 841 -3.44 -21.17 8.14
N ILE A 842 -2.45 -20.40 7.69
CA ILE A 842 -2.22 -19.06 8.20
C ILE A 842 -2.16 -18.11 7.02
N TYR A 843 -2.59 -16.88 7.25
CA TYR A 843 -2.72 -15.88 6.21
C TYR A 843 -2.27 -14.53 6.75
N HIS A 844 -2.05 -13.59 5.84
CA HIS A 844 -1.68 -12.23 6.21
C HIS A 844 -2.74 -11.22 5.83
N LEU A 845 -3.20 -11.22 4.58
CA LEU A 845 -4.16 -10.23 4.10
C LEU A 845 -5.51 -10.92 3.88
N LYS A 846 -6.55 -10.37 4.51
CA LYS A 846 -7.91 -10.85 4.35
C LYS A 846 -8.81 -9.66 4.10
N MET A 847 -9.57 -9.70 3.01
CA MET A 847 -10.36 -8.56 2.58
C MET A 847 -11.78 -8.98 2.21
N ARG A 848 -12.72 -8.06 2.41
CA ARG A 848 -14.13 -8.29 2.06
C ARG A 848 -14.46 -7.44 0.85
N THR A 849 -14.28 -8.01 -0.34
CA THR A 849 -14.70 -7.32 -1.56
C THR A 849 -16.17 -7.59 -1.86
N SER A 850 -16.51 -8.85 -2.08
CA SER A 850 -17.88 -9.34 -2.18
C SER A 850 -18.13 -10.50 -1.23
N SER A 851 -17.14 -11.37 -1.04
CA SER A 851 -17.12 -12.35 0.02
C SER A 851 -15.74 -12.33 0.64
N ILE A 852 -15.65 -12.75 1.90
CA ILE A 852 -14.38 -12.69 2.62
C ILE A 852 -13.35 -13.55 1.90
N TYR A 853 -12.19 -12.97 1.62
CA TYR A 853 -11.17 -13.61 0.81
C TYR A 853 -9.82 -13.53 1.50
N LEU A 854 -9.08 -14.63 1.43
CA LEU A 854 -7.69 -14.70 1.88
C LEU A 854 -6.79 -14.66 0.66
N TYR A 855 -5.82 -13.76 0.66
CA TYR A 855 -5.01 -13.54 -0.52
C TYR A 855 -3.73 -14.37 -0.54
N ASP A 856 -3.16 -14.67 0.64
CA ASP A 856 -2.01 -15.55 0.72
C ASP A 856 -2.17 -16.45 1.93
N CYS A 857 -2.10 -17.76 1.71
CA CYS A 857 -2.32 -18.74 2.78
C CYS A 857 -1.31 -19.87 2.66
N THR A 858 -0.79 -20.29 3.81
CA THR A 858 0.15 -21.41 3.85
C THR A 858 -0.18 -22.33 5.01
N GLU A 859 -0.04 -23.63 4.79
CA GLU A 859 -0.36 -24.62 5.80
C GLU A 859 0.73 -24.65 6.87
N VAL A 860 0.34 -25.14 8.06
CA VAL A 860 1.24 -25.18 9.22
C VAL A 860 1.04 -26.50 9.95
N SER A 861 2.15 -27.08 10.40
CA SER A 861 2.13 -28.31 11.15
C SER A 861 1.61 -28.06 12.57
N PRO A 862 1.14 -29.11 13.26
CA PRO A 862 0.68 -28.92 14.65
C PRO A 862 1.76 -28.39 15.58
N TYR A 863 3.02 -28.78 15.38
CA TYR A 863 4.08 -28.31 16.26
C TYR A 863 4.39 -26.84 16.03
N CYS A 864 4.16 -26.34 14.82
CA CYS A 864 4.33 -24.91 14.57
C CYS A 864 3.28 -24.08 15.28
N LEU A 865 2.12 -24.66 15.62
CA LEU A 865 1.08 -23.95 16.33
C LEU A 865 1.13 -24.17 17.84
N LEU A 866 1.60 -25.32 18.28
CA LEU A 866 1.65 -25.61 19.71
C LEU A 866 2.62 -24.68 20.42
N PHE A 867 3.80 -24.45 19.85
CA PHE A 867 4.82 -23.68 20.54
C PHE A 867 4.63 -22.19 20.33
N PHE A 868 4.45 -21.75 19.09
CA PHE A 868 4.24 -20.33 18.79
C PHE A 868 2.74 -20.04 18.64
N GLY A 869 2.02 -20.23 19.74
CA GLY A 869 0.58 -20.05 19.72
C GLY A 869 0.01 -19.49 21.00
N GLY A 870 -1.27 -19.75 21.25
CA GLY A 870 -1.94 -19.22 22.42
C GLY A 870 -1.65 -19.99 23.69
N ASP A 871 -2.63 -20.07 24.58
CA ASP A 871 -2.45 -20.72 25.87
C ASP A 871 -2.85 -22.20 25.74
N ILE A 872 -1.88 -23.09 25.94
CA ILE A 872 -2.14 -24.52 25.82
C ILE A 872 -2.99 -24.98 27.00
N SER A 873 -4.06 -25.72 26.70
CA SER A 873 -4.92 -26.29 27.72
C SER A 873 -5.13 -27.77 27.43
N ILE A 874 -5.25 -28.56 28.48
CA ILE A 874 -5.40 -30.01 28.37
C ILE A 874 -6.78 -30.39 28.86
N GLN A 875 -7.50 -31.18 28.06
CA GLN A 875 -8.86 -31.59 28.38
C GLN A 875 -9.01 -33.07 28.03
N LYS A 876 -10.23 -33.57 28.12
CA LYS A 876 -10.54 -34.95 27.74
C LYS A 876 -11.98 -34.98 27.24
N ASP A 877 -12.14 -34.86 25.93
CA ASP A 877 -13.47 -34.82 25.31
C ASP A 877 -13.93 -36.21 24.86
N ASN A 878 -13.89 -37.17 25.79
CA ASN A 878 -14.32 -38.55 25.58
C ASN A 878 -13.56 -39.25 24.46
N ASP A 879 -12.50 -38.64 23.94
CA ASP A 879 -11.70 -39.23 22.88
C ASP A 879 -10.29 -39.56 23.35
N GLN A 880 -9.58 -38.58 23.89
CA GLN A 880 -8.23 -38.74 24.41
C GLN A 880 -7.91 -37.47 25.20
N GLU A 881 -6.66 -37.35 25.64
CA GLU A 881 -6.22 -36.14 26.35
C GLU A 881 -5.95 -35.04 25.32
N THR A 882 -7.02 -34.64 24.64
CA THR A 882 -6.92 -33.66 23.57
C THR A 882 -6.33 -32.35 24.09
N ILE A 883 -5.39 -31.80 23.34
CA ILE A 883 -4.66 -30.60 23.72
C ILE A 883 -5.06 -29.47 22.78
N ALA A 884 -5.48 -28.34 23.36
CA ALA A 884 -5.96 -27.20 22.60
C ALA A 884 -5.13 -25.97 22.93
N VAL A 885 -4.82 -25.18 21.90
CA VAL A 885 -3.95 -24.01 22.07
C VAL A 885 -4.78 -22.76 22.24
N ASP A 886 -6.01 -22.75 21.72
CA ASP A 886 -6.89 -21.60 21.89
C ASP A 886 -8.34 -22.01 22.12
N GLU A 887 -8.57 -23.21 22.65
CA GLU A 887 -9.90 -23.74 22.99
C GLU A 887 -10.67 -24.10 21.72
N TRP A 888 -10.14 -23.74 20.55
CA TRP A 888 -10.75 -24.09 19.29
C TRP A 888 -9.80 -24.75 18.31
N ILE A 889 -8.51 -24.82 18.61
CA ILE A 889 -7.53 -25.54 17.81
C ILE A 889 -7.15 -26.78 18.61
N ILE A 890 -7.79 -27.90 18.32
CA ILE A 890 -7.71 -29.09 19.15
C ILE A 890 -6.94 -30.18 18.40
N PHE A 891 -5.98 -30.80 19.09
CA PHE A 891 -5.23 -31.92 18.58
C PHE A 891 -5.38 -33.12 19.52
N GLN A 892 -5.10 -34.30 19.00
CA GLN A 892 -5.18 -35.54 19.77
C GLN A 892 -3.79 -35.93 20.25
N SER A 893 -3.68 -36.24 21.54
CA SER A 893 -2.40 -36.63 22.13
C SER A 893 -2.66 -37.20 23.52
N PRO A 894 -1.84 -38.14 23.98
CA PRO A 894 -1.95 -38.60 25.36
C PRO A 894 -1.50 -37.52 26.34
N ALA A 895 -1.93 -37.68 27.60
CA ALA A 895 -1.65 -36.68 28.61
C ALA A 895 -0.16 -36.59 28.92
N ARG A 896 0.54 -37.73 28.96
CA ARG A 896 1.95 -37.74 29.34
C ARG A 896 2.79 -36.95 28.33
N ILE A 897 2.32 -36.82 27.10
CA ILE A 897 3.04 -36.03 26.11
C ILE A 897 2.59 -34.58 26.15
N ALA A 898 1.30 -34.34 26.38
CA ALA A 898 0.80 -32.97 26.45
C ALA A 898 1.41 -32.20 27.60
N HIS A 899 1.61 -32.86 28.75
CA HIS A 899 2.24 -32.18 29.88
C HIS A 899 3.66 -31.75 29.55
N LEU A 900 4.43 -32.62 28.89
CA LEU A 900 5.78 -32.27 28.47
C LEU A 900 5.76 -31.12 27.48
N VAL A 901 4.81 -31.15 26.54
CA VAL A 901 4.72 -30.08 25.54
C VAL A 901 4.42 -28.74 26.22
N LYS A 902 3.50 -28.74 27.19
CA LYS A 902 3.16 -27.50 27.89
C LYS A 902 4.35 -26.97 28.68
N GLU A 903 5.06 -27.84 29.39
CA GLU A 903 6.22 -27.39 30.15
C GLU A 903 7.30 -26.84 29.22
N LEU A 904 7.53 -27.52 28.10
CA LEU A 904 8.52 -27.04 27.13
C LEU A 904 8.11 -25.69 26.55
N ARG A 905 6.83 -25.49 26.31
CA ARG A 905 6.35 -24.20 25.83
C ARG A 905 6.61 -23.10 26.84
N LYS A 906 6.36 -23.38 28.13
CA LYS A 906 6.62 -22.38 29.15
C LYS A 906 8.10 -22.01 29.21
N GLU A 907 8.97 -23.03 29.16
CA GLU A 907 10.41 -22.76 29.18
C GLU A 907 10.85 -21.98 27.95
N LEU A 908 10.28 -22.31 26.79
CA LEU A 908 10.60 -21.57 25.57
C LEU A 908 10.17 -20.12 25.68
N ASP A 909 8.99 -19.86 26.26
CA ASP A 909 8.53 -18.49 26.41
C ASP A 909 9.47 -17.70 27.31
N ILE A 910 9.90 -18.31 28.43
CA ILE A 910 10.84 -17.62 29.32
C ILE A 910 12.15 -17.32 28.59
N LEU A 911 12.68 -18.32 27.87
CA LEU A 911 13.95 -18.13 27.16
C LEU A 911 13.84 -17.05 26.10
N LEU A 912 12.73 -17.04 25.35
CA LEU A 912 12.54 -16.04 24.31
C LEU A 912 12.41 -14.64 24.88
N GLN A 913 11.70 -14.49 26.01
CA GLN A 913 11.64 -13.18 26.65
C GLN A 913 13.04 -12.72 27.05
N GLU A 914 13.82 -13.61 27.68
CA GLU A 914 15.16 -13.24 28.10
C GLU A 914 16.04 -12.87 26.90
N LYS A 915 15.94 -13.62 25.81
CA LYS A 915 16.76 -13.37 24.63
C LYS A 915 16.37 -12.10 23.89
N ILE A 916 15.08 -11.79 23.79
CA ILE A 916 14.62 -10.58 23.14
C ILE A 916 14.95 -9.34 23.96
N GLU A 917 14.82 -9.41 25.28
CA GLU A 917 15.13 -8.25 26.11
C GLU A 917 16.59 -7.85 25.97
N SER A 918 17.50 -8.83 25.96
CA SER A 918 18.93 -8.58 25.81
C SER A 918 19.45 -9.40 24.64
N PRO A 919 19.53 -8.80 23.44
CA PRO A 919 19.92 -9.58 22.25
C PRO A 919 21.36 -10.08 22.34
N HIS A 920 21.59 -11.23 21.71
CA HIS A 920 22.91 -11.84 21.64
C HIS A 920 22.96 -12.73 20.40
N PRO A 921 24.13 -12.84 19.76
CA PRO A 921 24.22 -13.65 18.53
C PRO A 921 23.86 -15.12 18.73
N VAL A 922 24.09 -15.66 19.92
CA VAL A 922 23.79 -17.05 20.28
C VAL A 922 24.74 -18.00 19.58
N ASP A 923 25.41 -18.86 20.35
CA ASP A 923 26.35 -19.84 19.83
C ASP A 923 25.73 -21.23 19.96
N TRP A 924 25.82 -22.01 18.88
CA TRP A 924 25.24 -23.35 18.84
C TRP A 924 26.23 -24.45 19.19
N LYS A 925 27.46 -24.09 19.59
CA LYS A 925 28.49 -25.06 19.89
C LYS A 925 28.64 -25.31 21.39
N ASP A 926 27.74 -24.79 22.21
CA ASP A 926 27.78 -24.96 23.65
C ASP A 926 26.44 -25.45 24.15
N THR A 927 26.37 -25.76 25.44
CA THR A 927 25.16 -26.24 26.09
C THR A 927 24.86 -25.33 27.28
N LYS A 928 24.16 -24.23 27.03
CA LYS A 928 23.71 -23.32 28.07
C LYS A 928 22.20 -23.26 28.16
N SER A 929 21.52 -22.97 27.05
CA SER A 929 20.05 -22.98 26.96
C SER A 929 19.72 -23.75 25.68
N ARG A 930 19.44 -25.04 25.83
CA ARG A 930 19.19 -25.91 24.68
C ARG A 930 17.71 -26.18 24.45
N ASP A 931 16.84 -25.30 24.91
CA ASP A 931 15.43 -25.41 24.54
C ASP A 931 15.25 -25.21 23.04
N CYS A 932 15.98 -24.25 22.46
CA CYS A 932 15.86 -24.00 21.03
C CYS A 932 16.32 -25.19 20.21
N ALA A 933 17.41 -25.85 20.62
CA ALA A 933 17.88 -27.01 19.89
C ALA A 933 16.87 -28.14 19.93
N VAL A 934 16.27 -28.38 21.10
CA VAL A 934 15.28 -29.45 21.21
C VAL A 934 14.04 -29.12 20.39
N LEU A 935 13.62 -27.86 20.40
CA LEU A 935 12.45 -27.47 19.61
C LEU A 935 12.72 -27.60 18.12
N SER A 936 13.92 -27.23 17.68
CA SER A 936 14.28 -27.39 16.27
C SER A 936 14.34 -28.87 15.90
N ALA A 937 14.83 -29.71 16.81
CA ALA A 937 14.84 -31.15 16.55
C ALA A 937 13.43 -31.70 16.43
N ILE A 938 12.51 -31.21 17.27
CA ILE A 938 11.13 -31.70 17.22
C ILE A 938 10.45 -31.25 15.93
N ILE A 939 10.62 -29.98 15.55
CA ILE A 939 9.95 -29.46 14.37
C ILE A 939 10.54 -30.07 13.10
N ASP A 940 11.87 -30.13 13.01
CA ASP A 940 12.52 -30.66 11.82
C ASP A 940 12.16 -32.12 11.61
N LEU A 941 12.34 -32.94 12.63
CA LEU A 941 12.03 -34.36 12.56
C LEU A 941 10.60 -34.59 13.01
N ILE A 942 10.25 -35.86 13.28
CA ILE A 942 8.90 -36.25 13.69
C ILE A 942 7.89 -35.69 12.69
N LYS A 943 6.84 -35.06 13.19
CA LYS A 943 5.77 -34.46 12.39
C LYS A 943 5.28 -35.52 11.40
N THR A 944 5.12 -35.19 10.11
CA THR A 944 4.67 -36.15 9.10
C THR A 944 3.34 -36.80 9.49
N GLN A 945 2.45 -35.99 10.06
CA GLN A 945 1.15 -36.52 10.48
C GLN A 945 0.33 -36.99 9.28
N GLU A 946 0.33 -36.20 8.21
CA GLU A 946 -0.43 -36.53 6.99
C GLU A 946 -1.90 -36.76 7.30
N LYS A 947 -2.44 -35.93 8.19
CA LYS A 947 -3.84 -36.04 8.59
C LYS A 947 -4.56 -34.71 8.51
#